data_6TZR
# 
_entry.id   6TZR 
# 
_audit_conform.dict_name       mmcif_pdbx.dic 
_audit_conform.dict_version    5.387 
_audit_conform.dict_location   http://mmcif.pdb.org/dictionaries/ascii/mmcif_pdbx.dic 
# 
loop_
_database_2.database_id 
_database_2.database_code 
_database_2.pdbx_database_accession 
_database_2.pdbx_DOI 
PDB   6TZR         pdb_00006tzr 10.2210/pdb6tzr/pdb 
WWPDB D_1000243621 ?            ?                   
# 
loop_
_pdbx_audit_revision_history.ordinal 
_pdbx_audit_revision_history.data_content_type 
_pdbx_audit_revision_history.major_revision 
_pdbx_audit_revision_history.minor_revision 
_pdbx_audit_revision_history.revision_date 
1 'Structure model' 1 0 2019-10-16 
2 'Structure model' 1 1 2019-11-27 
3 'Structure model' 1 2 2019-12-25 
4 'Structure model' 1 3 2024-03-13 
# 
_pdbx_audit_revision_details.ordinal             1 
_pdbx_audit_revision_details.revision_ordinal    1 
_pdbx_audit_revision_details.data_content_type   'Structure model' 
_pdbx_audit_revision_details.provider            repository 
_pdbx_audit_revision_details.type                'Initial release' 
_pdbx_audit_revision_details.description         ? 
_pdbx_audit_revision_details.details             ? 
# 
loop_
_pdbx_audit_revision_group.ordinal 
_pdbx_audit_revision_group.revision_ordinal 
_pdbx_audit_revision_group.data_content_type 
_pdbx_audit_revision_group.group 
1 2 'Structure model' 'Author supporting evidence' 
2 2 'Structure model' 'Database references'        
3 3 'Structure model' 'Database references'        
4 4 'Structure model' 'Data collection'            
5 4 'Structure model' 'Database references'        
6 4 'Structure model' 'Derived calculations'       
# 
loop_
_pdbx_audit_revision_category.ordinal 
_pdbx_audit_revision_category.revision_ordinal 
_pdbx_audit_revision_category.data_content_type 
_pdbx_audit_revision_category.category 
1  2 'Structure model' citation               
2  2 'Structure model' citation_author        
3  2 'Structure model' pdbx_audit_support     
4  3 'Structure model' citation               
5  4 'Structure model' chem_comp_atom         
6  4 'Structure model' chem_comp_bond         
7  4 'Structure model' database_2             
8  4 'Structure model' pdbx_struct_conn_angle 
9  4 'Structure model' struct_conn            
10 4 'Structure model' struct_conn_type       
# 
loop_
_pdbx_audit_revision_item.ordinal 
_pdbx_audit_revision_item.revision_ordinal 
_pdbx_audit_revision_item.data_content_type 
_pdbx_audit_revision_item.item 
1  2 'Structure model' '_citation.country'                           
2  2 'Structure model' '_citation.journal_abbrev'                    
3  2 'Structure model' '_citation.journal_id_ASTM'                   
4  2 'Structure model' '_citation.journal_id_CSD'                    
5  2 'Structure model' '_citation.journal_id_ISSN'                   
6  2 'Structure model' '_citation.pdbx_database_id_DOI'              
7  2 'Structure model' '_citation.pdbx_database_id_PubMed'           
8  2 'Structure model' '_citation.year'                              
9  2 'Structure model' '_citation_author.identifier_ORCID'           
10 2 'Structure model' '_pdbx_audit_support.funding_organization'    
11 3 'Structure model' '_citation.journal_volume'                    
12 3 'Structure model' '_citation.page_first'                        
13 3 'Structure model' '_citation.page_last'                         
14 4 'Structure model' '_database_2.pdbx_DOI'                        
15 4 'Structure model' '_database_2.pdbx_database_accession'         
16 4 'Structure model' '_pdbx_struct_conn_angle.ptnr1_auth_asym_id'  
17 4 'Structure model' '_pdbx_struct_conn_angle.ptnr1_auth_seq_id'   
18 4 'Structure model' '_pdbx_struct_conn_angle.ptnr1_label_asym_id' 
19 4 'Structure model' '_pdbx_struct_conn_angle.ptnr1_label_seq_id'  
20 4 'Structure model' '_pdbx_struct_conn_angle.ptnr3_auth_asym_id'  
21 4 'Structure model' '_pdbx_struct_conn_angle.ptnr3_auth_seq_id'   
22 4 'Structure model' '_pdbx_struct_conn_angle.ptnr3_label_asym_id' 
23 4 'Structure model' '_pdbx_struct_conn_angle.ptnr3_label_seq_id'  
24 4 'Structure model' '_pdbx_struct_conn_angle.value'               
25 4 'Structure model' '_struct_conn.conn_type_id'                   
26 4 'Structure model' '_struct_conn.id'                             
27 4 'Structure model' '_struct_conn.pdbx_dist_value'                
28 4 'Structure model' '_struct_conn.pdbx_leaving_atom_flag'         
29 4 'Structure model' '_struct_conn.ptnr1_auth_asym_id'             
30 4 'Structure model' '_struct_conn.ptnr1_auth_comp_id'             
31 4 'Structure model' '_struct_conn.ptnr1_auth_seq_id'              
32 4 'Structure model' '_struct_conn.ptnr1_label_asym_id'            
33 4 'Structure model' '_struct_conn.ptnr1_label_atom_id'            
34 4 'Structure model' '_struct_conn.ptnr1_label_comp_id'            
35 4 'Structure model' '_struct_conn.ptnr1_label_seq_id'             
36 4 'Structure model' '_struct_conn.ptnr1_symmetry'                 
37 4 'Structure model' '_struct_conn.ptnr2_auth_asym_id'             
38 4 'Structure model' '_struct_conn.ptnr2_auth_comp_id'             
39 4 'Structure model' '_struct_conn.ptnr2_auth_seq_id'              
40 4 'Structure model' '_struct_conn.ptnr2_label_asym_id'            
41 4 'Structure model' '_struct_conn.ptnr2_label_atom_id'            
42 4 'Structure model' '_struct_conn.ptnr2_label_comp_id'            
43 4 'Structure model' '_struct_conn.ptnr2_label_seq_id'             
44 4 'Structure model' '_struct_conn.ptnr2_symmetry'                 
45 4 'Structure model' '_struct_conn_type.id'                        
# 
_pdbx_database_status.status_code                     REL 
_pdbx_database_status.status_code_sf                  REL 
_pdbx_database_status.status_code_mr                  ? 
_pdbx_database_status.entry_id                        6TZR 
_pdbx_database_status.recvd_initial_deposition_date   2019-08-13 
_pdbx_database_status.SG_entry                        N 
_pdbx_database_status.deposit_site                    RCSB 
_pdbx_database_status.process_site                    RCSB 
_pdbx_database_status.status_code_cs                  ? 
_pdbx_database_status.methods_development_category    ? 
_pdbx_database_status.pdb_format_compatible           Y 
_pdbx_database_status.status_code_nmr_data            ? 
# 
loop_
_audit_author.name 
_audit_author.pdbx_ordinal 
_audit_author.identifier_ORCID 
'Chu, B.'          1 0000-0002-9429-8893 
'Paukstelis, P.J.' 2 0000-0001-8536-4361 
# 
_citation.abstract                  ? 
_citation.abstract_id_CAS           ? 
_citation.book_id_ISBN              ? 
_citation.book_publisher            ? 
_citation.book_publisher_city       ? 
_citation.book_title                ? 
_citation.coordinate_linkage        ? 
_citation.country                   UK 
_citation.database_id_Medline       ? 
_citation.details                   ? 
_citation.id                        primary 
_citation.journal_abbrev            'Nucleic Acids Res.' 
_citation.journal_id_ASTM           NARHAD 
_citation.journal_id_CSD            0389 
_citation.journal_id_ISSN           1362-4962 
_citation.journal_full              ? 
_citation.journal_issue             ? 
_citation.journal_volume            47 
_citation.language                  ? 
_citation.page_first                11921 
_citation.page_last                 11930 
_citation.title                     'A DNA G-quadruplex/i-motif hybrid.' 
_citation.year                      2019 
_citation.database_id_CSD           ? 
_citation.pdbx_database_id_DOI      10.1093/nar/gkz1008 
_citation.pdbx_database_id_PubMed   31724696 
_citation.unpublished_flag          ? 
# 
loop_
_citation_author.citation_id 
_citation_author.name 
_citation_author.ordinal 
_citation_author.identifier_ORCID 
primary 'Chu, B.'          1 ? 
primary 'Zhang, D.'        2 ? 
primary 'Paukstelis, P.J.' 3 ? 
# 
loop_
_entity.id 
_entity.type 
_entity.src_method 
_entity.pdbx_description 
_entity.formula_weight 
_entity.pdbx_number_of_molecules 
_entity.pdbx_ec 
_entity.pdbx_mutation 
_entity.pdbx_fragment 
_entity.details 
1 polymer     syn 
;DNA (5'-D(*CP*CP*AP*GP*GP*CP*(BRU)P*GP*CP*AP*A)-3')
;
3408.070 2 ? ? ? ? 
2 non-polymer syn 'BARIUM ION'                                          137.327  1 ? ? ? ? 
# 
_entity_poly.entity_id                      1 
_entity_poly.type                           polydeoxyribonucleotide 
_entity_poly.nstd_linkage                   no 
_entity_poly.nstd_monomer                   yes 
_entity_poly.pdbx_seq_one_letter_code       '(DC)(DC)(DA)(DG)(DG)(DC)(BRU)(DG)(DC)(DA)(DA)' 
_entity_poly.pdbx_seq_one_letter_code_can   CCAGGCUGCAA 
_entity_poly.pdbx_strand_id                 A,B 
_entity_poly.pdbx_target_identifier         ? 
# 
_pdbx_entity_nonpoly.entity_id   2 
_pdbx_entity_nonpoly.name        'BARIUM ION' 
_pdbx_entity_nonpoly.comp_id     BA 
# 
loop_
_entity_poly_seq.entity_id 
_entity_poly_seq.num 
_entity_poly_seq.mon_id 
_entity_poly_seq.hetero 
1 1  DC  n 
1 2  DC  n 
1 3  DA  n 
1 4  DG  n 
1 5  DG  n 
1 6  DC  n 
1 7  BRU n 
1 8  DG  n 
1 9  DC  n 
1 10 DA  n 
1 11 DA  n 
# 
_pdbx_entity_src_syn.entity_id              1 
_pdbx_entity_src_syn.pdbx_src_id            1 
_pdbx_entity_src_syn.pdbx_alt_source_flag   sample 
_pdbx_entity_src_syn.pdbx_beg_seq_num       1 
_pdbx_entity_src_syn.pdbx_end_seq_num       11 
_pdbx_entity_src_syn.organism_scientific    'synthetic construct' 
_pdbx_entity_src_syn.organism_common_name   ? 
_pdbx_entity_src_syn.ncbi_taxonomy_id       32630 
_pdbx_entity_src_syn.details                ? 
# 
loop_
_chem_comp.id 
_chem_comp.type 
_chem_comp.mon_nstd_flag 
_chem_comp.name 
_chem_comp.pdbx_synonyms 
_chem_comp.formula 
_chem_comp.formula_weight 
BA  non-polymer   . 'BARIUM ION'                               ? 'Ba 2'              137.327 
BRU 'DNA linking' n "5-BROMO-2'-DEOXYURIDINE-5'-MONOPHOSPHATE" ? 'C9 H12 Br N2 O8 P' 387.078 
DA  'DNA linking' y "2'-DEOXYADENOSINE-5'-MONOPHOSPHATE"       ? 'C10 H14 N5 O6 P'   331.222 
DC  'DNA linking' y "2'-DEOXYCYTIDINE-5'-MONOPHOSPHATE"        ? 'C9 H14 N3 O7 P'    307.197 
DG  'DNA linking' y "2'-DEOXYGUANOSINE-5'-MONOPHOSPHATE"       ? 'C10 H14 N5 O7 P'   347.221 
# 
loop_
_pdbx_poly_seq_scheme.asym_id 
_pdbx_poly_seq_scheme.entity_id 
_pdbx_poly_seq_scheme.seq_id 
_pdbx_poly_seq_scheme.mon_id 
_pdbx_poly_seq_scheme.ndb_seq_num 
_pdbx_poly_seq_scheme.pdb_seq_num 
_pdbx_poly_seq_scheme.auth_seq_num 
_pdbx_poly_seq_scheme.pdb_mon_id 
_pdbx_poly_seq_scheme.auth_mon_id 
_pdbx_poly_seq_scheme.pdb_strand_id 
_pdbx_poly_seq_scheme.pdb_ins_code 
_pdbx_poly_seq_scheme.hetero 
A 1 1  DC  1  1  1  DC  DC  A . n 
A 1 2  DC  2  2  2  DC  DC  A . n 
A 1 3  DA  3  3  3  DA  DA  A . n 
A 1 4  DG  4  4  4  DG  DG  A . n 
A 1 5  DG  5  5  5  DG  DG  A . n 
A 1 6  DC  6  6  6  DC  DC  A . n 
A 1 7  BRU 7  7  7  BRU BRU A . n 
A 1 8  DG  8  8  8  DG  DG  A . n 
A 1 9  DC  9  9  9  DC  DC  A . n 
A 1 10 DA  10 10 10 DA  DA  A . n 
A 1 11 DA  11 11 11 DA  DA  A . n 
B 1 1  DC  1  1  1  DC  DC  B . n 
B 1 2  DC  2  2  2  DC  DC  B . n 
B 1 3  DA  3  3  3  DA  DA  B . n 
B 1 4  DG  4  4  4  DG  DG  B . n 
B 1 5  DG  5  5  5  DG  DG  B . n 
B 1 6  DC  6  6  6  DC  DC  B . n 
B 1 7  BRU 7  7  7  BRU BRU B . n 
B 1 8  DG  8  8  8  DG  DG  B . n 
B 1 9  DC  9  9  9  DC  DC  B . n 
B 1 10 DA  10 10 10 DA  DA  B . n 
B 1 11 DA  11 11 11 DA  DA  B . n 
# 
_pdbx_nonpoly_scheme.asym_id         C 
_pdbx_nonpoly_scheme.entity_id       2 
_pdbx_nonpoly_scheme.mon_id          BA 
_pdbx_nonpoly_scheme.ndb_seq_num     1 
_pdbx_nonpoly_scheme.pdb_seq_num     101 
_pdbx_nonpoly_scheme.auth_seq_num    1 
_pdbx_nonpoly_scheme.pdb_mon_id      BA 
_pdbx_nonpoly_scheme.auth_mon_id     BA 
_pdbx_nonpoly_scheme.pdb_strand_id   A 
_pdbx_nonpoly_scheme.pdb_ins_code    . 
# 
loop_
_software.citation_id 
_software.classification 
_software.compiler_name 
_software.compiler_version 
_software.contact_author 
_software.contact_author_email 
_software.date 
_software.description 
_software.dependencies 
_software.hardware 
_software.language 
_software.location 
_software.mods 
_software.name 
_software.os 
_software.os_version 
_software.type 
_software.version 
_software.pdbx_ordinal 
? 'data scaling'    ? ? ? ? ? ? ? ? ? ? ? Aimless     ? ? ? 0.7.4    1 
? refinement        ? ? ? ? ? ? ? ? ? ? ? REFMAC      ? ? ? 5.8.0253 2 
? 'data extraction' ? ? ? ? ? ? ? ? ? ? ? PDB_EXTRACT ? ? ? 3.25     3 
? 'data reduction'  ? ? ? ? ? ? ? ? ? ? ? XDS         ? ? ? .        4 
? phasing           ? ? ? ? ? ? ? ? ? ? ? SHELXCD     ? ? ? .        5 
# 
_cell.angle_alpha                  90.000 
_cell.angle_alpha_esd              ? 
_cell.angle_beta                   90.000 
_cell.angle_beta_esd               ? 
_cell.angle_gamma                  120.000 
_cell.angle_gamma_esd              ? 
_cell.entry_id                     6TZR 
_cell.details                      ? 
_cell.formula_units_Z              ? 
_cell.length_a                     37.099 
_cell.length_a_esd                 ? 
_cell.length_b                     37.099 
_cell.length_b_esd                 ? 
_cell.length_c                     98.309 
_cell.length_c_esd                 ? 
_cell.volume                       ? 
_cell.volume_esd                   ? 
_cell.Z_PDB                        12 
_cell.reciprocal_angle_alpha       ? 
_cell.reciprocal_angle_beta        ? 
_cell.reciprocal_angle_gamma       ? 
_cell.reciprocal_angle_alpha_esd   ? 
_cell.reciprocal_angle_beta_esd    ? 
_cell.reciprocal_angle_gamma_esd   ? 
_cell.reciprocal_length_a          ? 
_cell.reciprocal_length_b          ? 
_cell.reciprocal_length_c          ? 
_cell.reciprocal_length_a_esd      ? 
_cell.reciprocal_length_b_esd      ? 
_cell.reciprocal_length_c_esd      ? 
_cell.pdbx_unique_axis             ? 
# 
_symmetry.entry_id                         6TZR 
_symmetry.cell_setting                     ? 
_symmetry.Int_Tables_number                154 
_symmetry.space_group_name_Hall            ? 
_symmetry.space_group_name_H-M             'P 32 2 1' 
_symmetry.pdbx_full_space_group_name_H-M   ? 
# 
_exptl.absorpt_coefficient_mu     ? 
_exptl.absorpt_correction_T_max   ? 
_exptl.absorpt_correction_T_min   ? 
_exptl.absorpt_correction_type    ? 
_exptl.absorpt_process_details    ? 
_exptl.entry_id                   6TZR 
_exptl.crystals_number            1 
_exptl.details                    ? 
_exptl.method                     'X-RAY DIFFRACTION' 
_exptl.method_details             ? 
# 
_exptl_crystal.colour                      ? 
_exptl_crystal.density_diffrn              ? 
_exptl_crystal.density_Matthews            2.87 
_exptl_crystal.density_method              ? 
_exptl_crystal.density_percent_sol         57.07 
_exptl_crystal.description                 ? 
_exptl_crystal.F_000                       ? 
_exptl_crystal.id                          1 
_exptl_crystal.preparation                 ? 
_exptl_crystal.size_max                    ? 
_exptl_crystal.size_mid                    ? 
_exptl_crystal.size_min                    ? 
_exptl_crystal.size_rad                    ? 
_exptl_crystal.colour_lustre               ? 
_exptl_crystal.colour_modifier             ? 
_exptl_crystal.colour_primary              ? 
_exptl_crystal.density_meas                ? 
_exptl_crystal.density_meas_esd            ? 
_exptl_crystal.density_meas_gt             ? 
_exptl_crystal.density_meas_lt             ? 
_exptl_crystal.density_meas_temp           ? 
_exptl_crystal.density_meas_temp_esd       ? 
_exptl_crystal.density_meas_temp_gt        ? 
_exptl_crystal.density_meas_temp_lt        ? 
_exptl_crystal.pdbx_crystal_image_url      ? 
_exptl_crystal.pdbx_crystal_image_format   ? 
_exptl_crystal.pdbx_mosaicity              ? 
_exptl_crystal.pdbx_mosaicity_esd          ? 
# 
_exptl_crystal_grow.apparatus       ? 
_exptl_crystal_grow.atmosphere      ? 
_exptl_crystal_grow.crystal_id      1 
_exptl_crystal_grow.details         ? 
_exptl_crystal_grow.method          'VAPOR DIFFUSION, SITTING DROP' 
_exptl_crystal_grow.method_ref      ? 
_exptl_crystal_grow.pH              6.0 
_exptl_crystal_grow.pressure        ? 
_exptl_crystal_grow.pressure_esd    ? 
_exptl_crystal_grow.seeding         ? 
_exptl_crystal_grow.seeding_ref     ? 
_exptl_crystal_grow.temp            295 
_exptl_crystal_grow.temp_details    ? 
_exptl_crystal_grow.temp_esd        ? 
_exptl_crystal_grow.time            ? 
_exptl_crystal_grow.pdbx_details    
;25% PEG 400, 40 mM barium chloride, 10 mM spermidine, 30 mM Bis-Tris pH 8.5; Equilibrated against 5% PEG 400 and 3 ul of glacial acetic acid
;
_exptl_crystal_grow.pdbx_pH_range   ? 
# 
_diffrn.ambient_environment              ? 
_diffrn.ambient_temp                     100 
_diffrn.ambient_temp_details             ? 
_diffrn.ambient_temp_esd                 ? 
_diffrn.crystal_id                       1 
_diffrn.crystal_support                  ? 
_diffrn.crystal_treatment                ? 
_diffrn.details                          ? 
_diffrn.id                               1 
_diffrn.ambient_pressure                 ? 
_diffrn.ambient_pressure_esd             ? 
_diffrn.ambient_pressure_gt              ? 
_diffrn.ambient_pressure_lt              ? 
_diffrn.ambient_temp_gt                  ? 
_diffrn.ambient_temp_lt                  ? 
_diffrn.pdbx_serial_crystal_experiment   N 
# 
_diffrn_detector.details                      ? 
_diffrn_detector.detector                     PIXEL 
_diffrn_detector.diffrn_id                    1 
_diffrn_detector.type                         'DECTRIS PILATUS 6M-F' 
_diffrn_detector.area_resol_mean              ? 
_diffrn_detector.dtime                        ? 
_diffrn_detector.pdbx_frames_total            ? 
_diffrn_detector.pdbx_collection_time_total   ? 
_diffrn_detector.pdbx_collection_date         2018-10-25 
_diffrn_detector.pdbx_frequency               ? 
# 
_diffrn_radiation.collimation                      ? 
_diffrn_radiation.diffrn_id                        1 
_diffrn_radiation.filter_edge                      ? 
_diffrn_radiation.inhomogeneity                    ? 
_diffrn_radiation.monochromator                    ? 
_diffrn_radiation.polarisn_norm                    ? 
_diffrn_radiation.polarisn_ratio                   ? 
_diffrn_radiation.probe                            ? 
_diffrn_radiation.type                             ? 
_diffrn_radiation.xray_symbol                      ? 
_diffrn_radiation.wavelength_id                    1 
_diffrn_radiation.pdbx_monochromatic_or_laue_m_l   M 
_diffrn_radiation.pdbx_wavelength_list             ? 
_diffrn_radiation.pdbx_wavelength                  ? 
_diffrn_radiation.pdbx_diffrn_protocol             'SINGLE WAVELENGTH' 
_diffrn_radiation.pdbx_analyzer                    ? 
_diffrn_radiation.pdbx_scattering_type             x-ray 
# 
_diffrn_radiation_wavelength.id           1 
_diffrn_radiation_wavelength.wavelength   0.9196 
_diffrn_radiation_wavelength.wt           1.0 
# 
_diffrn_source.current                     ? 
_diffrn_source.details                     ? 
_diffrn_source.diffrn_id                   1 
_diffrn_source.power                       ? 
_diffrn_source.size                        ? 
_diffrn_source.source                      SYNCHROTRON 
_diffrn_source.target                      ? 
_diffrn_source.type                        'APS BEAMLINE 24-ID-C' 
_diffrn_source.voltage                     ? 
_diffrn_source.take-off_angle              ? 
_diffrn_source.pdbx_wavelength_list        0.9196 
_diffrn_source.pdbx_wavelength             ? 
_diffrn_source.pdbx_synchrotron_beamline   24-ID-C 
_diffrn_source.pdbx_synchrotron_site       APS 
# 
_reflns.B_iso_Wilson_estimate            ? 
_reflns.entry_id                         6TZR 
_reflns.data_reduction_details           ? 
_reflns.data_reduction_method            ? 
_reflns.d_resolution_high                2.400 
_reflns.d_resolution_low                 32.770 
_reflns.details                          ? 
_reflns.limit_h_max                      ? 
_reflns.limit_h_min                      ? 
_reflns.limit_k_max                      ? 
_reflns.limit_k_min                      ? 
_reflns.limit_l_max                      ? 
_reflns.limit_l_min                      ? 
_reflns.number_all                       ? 
_reflns.number_obs                       3399 
_reflns.observed_criterion               ? 
_reflns.observed_criterion_F_max         ? 
_reflns.observed_criterion_F_min         ? 
_reflns.observed_criterion_I_max         ? 
_reflns.observed_criterion_I_min         ? 
_reflns.observed_criterion_sigma_F       ? 
_reflns.observed_criterion_sigma_I       ? 
_reflns.percent_possible_obs             99.900 
_reflns.R_free_details                   ? 
_reflns.Rmerge_F_all                     ? 
_reflns.Rmerge_F_obs                     ? 
_reflns.Friedel_coverage                 ? 
_reflns.number_gt                        ? 
_reflns.threshold_expression             ? 
_reflns.pdbx_redundancy                  8.900 
_reflns.pdbx_Rmerge_I_obs                0.084 
_reflns.pdbx_Rmerge_I_all                ? 
_reflns.pdbx_Rsym_value                  ? 
_reflns.pdbx_netI_over_av_sigmaI         ? 
_reflns.pdbx_netI_over_sigmaI            11.000 
_reflns.pdbx_res_netI_over_av_sigmaI_2   ? 
_reflns.pdbx_res_netI_over_sigmaI_2      ? 
_reflns.pdbx_chi_squared                 ? 
_reflns.pdbx_scaling_rejects             ? 
_reflns.pdbx_d_res_high_opt              ? 
_reflns.pdbx_d_res_low_opt               ? 
_reflns.pdbx_d_res_opt_method            ? 
_reflns.phase_calculation_details        ? 
_reflns.pdbx_Rrim_I_all                  0.090 
_reflns.pdbx_Rpim_I_all                  0.032 
_reflns.pdbx_d_opt                       ? 
_reflns.pdbx_number_measured_all         30095 
_reflns.pdbx_diffrn_id                   1 
_reflns.pdbx_ordinal                     1 
_reflns.pdbx_CC_half                     1.000 
_reflns.pdbx_R_split                     ? 
# 
_reflns_shell.d_res_high                  2.400 
_reflns_shell.d_res_low                   2.490 
_reflns_shell.meanI_over_sigI_all         ? 
_reflns_shell.meanI_over_sigI_obs         ? 
_reflns_shell.number_measured_all         3381 
_reflns_shell.number_measured_obs         ? 
_reflns_shell.number_possible             ? 
_reflns_shell.number_unique_all           ? 
_reflns_shell.number_unique_obs           358 
_reflns_shell.percent_possible_all        100.000 
_reflns_shell.percent_possible_obs        ? 
_reflns_shell.Rmerge_F_all                ? 
_reflns_shell.Rmerge_F_obs                ? 
_reflns_shell.Rmerge_I_all                ? 
_reflns_shell.Rmerge_I_obs                0.865 
_reflns_shell.meanI_over_sigI_gt          ? 
_reflns_shell.meanI_over_uI_all           ? 
_reflns_shell.meanI_over_uI_gt            ? 
_reflns_shell.number_measured_gt          ? 
_reflns_shell.number_unique_gt            ? 
_reflns_shell.percent_possible_gt         ? 
_reflns_shell.Rmerge_F_gt                 ? 
_reflns_shell.Rmerge_I_gt                 ? 
_reflns_shell.pdbx_redundancy             9.400 
_reflns_shell.pdbx_Rsym_value             ? 
_reflns_shell.pdbx_chi_squared            ? 
_reflns_shell.pdbx_netI_over_sigmaI_all   ? 
_reflns_shell.pdbx_netI_over_sigmaI_obs   1.800 
_reflns_shell.pdbx_Rrim_I_all             0.917 
_reflns_shell.pdbx_Rpim_I_all             0.298 
_reflns_shell.pdbx_rejects                ? 
_reflns_shell.pdbx_ordinal                1 
_reflns_shell.pdbx_diffrn_id              1 
_reflns_shell.pdbx_CC_half                0.984 
_reflns_shell.pdbx_R_split                ? 
# 
_refine.aniso_B[1][1]                            -0.1400 
_refine.aniso_B[1][2]                            -0.0700 
_refine.aniso_B[1][3]                            -0.0000 
_refine.aniso_B[2][2]                            -0.1400 
_refine.aniso_B[2][3]                            0.0000 
_refine.aniso_B[3][3]                            0.4400 
_refine.B_iso_max                                122.260 
_refine.B_iso_mean                               73.8610 
_refine.B_iso_min                                48.520 
_refine.correlation_coeff_Fo_to_Fc               0.9790 
_refine.correlation_coeff_Fo_to_Fc_free          0.9450 
_refine.details                                  
'HYDROGENS HAVE BEEN ADDED IN THE RIDING POSITIONS U VALUES      : REFINED INDIVIDUALLY' 
_refine.diff_density_max                         ? 
_refine.diff_density_max_esd                     ? 
_refine.diff_density_min                         ? 
_refine.diff_density_min_esd                     ? 
_refine.diff_density_rms                         ? 
_refine.diff_density_rms_esd                     ? 
_refine.entry_id                                 6TZR 
_refine.pdbx_refine_id                           'X-RAY DIFFRACTION' 
_refine.ls_abs_structure_details                 ? 
_refine.ls_abs_structure_Flack                   ? 
_refine.ls_abs_structure_Flack_esd               ? 
_refine.ls_abs_structure_Rogers                  ? 
_refine.ls_abs_structure_Rogers_esd              ? 
_refine.ls_d_res_high                            2.4000 
_refine.ls_d_res_low                             30.5600 
_refine.ls_extinction_coef                       ? 
_refine.ls_extinction_coef_esd                   ? 
_refine.ls_extinction_expression                 ? 
_refine.ls_extinction_method                     ? 
_refine.ls_goodness_of_fit_all                   ? 
_refine.ls_goodness_of_fit_all_esd               ? 
_refine.ls_goodness_of_fit_obs                   ? 
_refine.ls_goodness_of_fit_obs_esd               ? 
_refine.ls_hydrogen_treatment                    ? 
_refine.ls_matrix_type                           ? 
_refine.ls_number_constraints                    ? 
_refine.ls_number_parameters                     ? 
_refine.ls_number_reflns_all                     ? 
_refine.ls_number_reflns_obs                     3010 
_refine.ls_number_reflns_R_free                  367 
_refine.ls_number_reflns_R_work                  ? 
_refine.ls_number_restraints                     ? 
_refine.ls_percent_reflns_obs                    99.8200 
_refine.ls_percent_reflns_R_free                 10.9000 
_refine.ls_R_factor_all                          ? 
_refine.ls_R_factor_obs                          0.2178 
_refine.ls_R_factor_R_free                       0.2538 
_refine.ls_R_factor_R_free_error                 ? 
_refine.ls_R_factor_R_free_error_details         ? 
_refine.ls_R_factor_R_work                       0.2121 
_refine.ls_R_Fsqd_factor_obs                     ? 
_refine.ls_R_I_factor_obs                        ? 
_refine.ls_redundancy_reflns_all                 ? 
_refine.ls_redundancy_reflns_obs                 ? 
_refine.ls_restrained_S_all                      ? 
_refine.ls_restrained_S_obs                      ? 
_refine.ls_shift_over_esd_max                    ? 
_refine.ls_shift_over_esd_mean                   ? 
_refine.ls_structure_factor_coef                 ? 
_refine.ls_weighting_details                     ? 
_refine.ls_weighting_scheme                      ? 
_refine.ls_wR_factor_all                         ? 
_refine.ls_wR_factor_obs                         ? 
_refine.ls_wR_factor_R_free                      ? 
_refine.ls_wR_factor_R_work                      ? 
_refine.occupancy_max                            ? 
_refine.occupancy_min                            ? 
_refine.solvent_model_details                    ? 
_refine.solvent_model_param_bsol                 ? 
_refine.solvent_model_param_ksol                 ? 
_refine.ls_R_factor_gt                           ? 
_refine.ls_goodness_of_fit_gt                    ? 
_refine.ls_goodness_of_fit_ref                   ? 
_refine.ls_shift_over_su_max                     ? 
_refine.ls_shift_over_su_max_lt                  ? 
_refine.ls_shift_over_su_mean                    ? 
_refine.ls_shift_over_su_mean_lt                 ? 
_refine.pdbx_ls_sigma_I                          ? 
_refine.pdbx_ls_sigma_F                          0.000 
_refine.pdbx_ls_sigma_Fsqd                       ? 
_refine.pdbx_data_cutoff_high_absF               ? 
_refine.pdbx_data_cutoff_high_rms_absF           ? 
_refine.pdbx_data_cutoff_low_absF                ? 
_refine.pdbx_isotropic_thermal_model             ? 
_refine.pdbx_ls_cross_valid_method               THROUGHOUT 
_refine.pdbx_method_to_determine_struct          SAD 
_refine.pdbx_starting_model                      ? 
_refine.pdbx_stereochemistry_target_values       ? 
_refine.pdbx_R_Free_selection_details            RANDOM 
_refine.pdbx_stereochem_target_val_spec_case     ? 
_refine.pdbx_overall_ESU_R                       0.3190 
_refine.pdbx_overall_ESU_R_Free                  0.2570 
_refine.pdbx_solvent_vdw_probe_radii             1.1000 
_refine.pdbx_solvent_ion_probe_radii             0.7000 
_refine.pdbx_solvent_shrinkage_radii             0.7000 
_refine.pdbx_real_space_R                        ? 
_refine.pdbx_density_correlation                 ? 
_refine.pdbx_pd_number_of_powder_patterns        ? 
_refine.pdbx_pd_number_of_points                 ? 
_refine.pdbx_pd_meas_number_of_points            ? 
_refine.pdbx_pd_proc_ls_prof_R_factor            ? 
_refine.pdbx_pd_proc_ls_prof_wR_factor           ? 
_refine.pdbx_pd_Marquardt_correlation_coeff      ? 
_refine.pdbx_pd_Fsqrd_R_factor                   ? 
_refine.pdbx_pd_ls_matrix_band_width             ? 
_refine.pdbx_overall_phase_error                 ? 
_refine.pdbx_overall_SU_R_free_Cruickshank_DPI   ? 
_refine.pdbx_overall_SU_R_free_Blow_DPI          ? 
_refine.pdbx_overall_SU_R_Blow_DPI               ? 
_refine.pdbx_TLS_residual_ADP_flag               ? 
_refine.pdbx_diffrn_id                           1 
_refine.overall_SU_B                             12.8270 
_refine.overall_SU_ML                            0.2500 
_refine.overall_SU_R_Cruickshank_DPI             ? 
_refine.overall_SU_R_free                        ? 
_refine.overall_FOM_free_R_set                   ? 
_refine.overall_FOM_work_R_set                   ? 
_refine.pdbx_average_fsc_overall                 ? 
_refine.pdbx_average_fsc_work                    ? 
_refine.pdbx_average_fsc_free                    ? 
# 
_refine_hist.pdbx_refine_id                   'X-RAY DIFFRACTION' 
_refine_hist.cycle_id                         final 
_refine_hist.details                          ? 
_refine_hist.d_res_high                       2.4000 
_refine_hist.d_res_low                        30.5600 
_refine_hist.number_atoms_solvent             0 
_refine_hist.number_atoms_total               445 
_refine_hist.number_reflns_all                ? 
_refine_hist.number_reflns_obs                ? 
_refine_hist.number_reflns_R_free             ? 
_refine_hist.number_reflns_R_work             ? 
_refine_hist.R_factor_all                     ? 
_refine_hist.R_factor_obs                     ? 
_refine_hist.R_factor_R_free                  ? 
_refine_hist.R_factor_R_work                  ? 
_refine_hist.pdbx_number_residues_total       22 
_refine_hist.pdbx_B_iso_mean_ligand           64.92 
_refine_hist.pdbx_B_iso_mean_solvent          ? 
_refine_hist.pdbx_number_atoms_protein        0 
_refine_hist.pdbx_number_atoms_nucleic_acid   444 
_refine_hist.pdbx_number_atoms_ligand         1 
_refine_hist.pdbx_number_atoms_lipid          ? 
_refine_hist.pdbx_number_atoms_carb           ? 
_refine_hist.pdbx_pseudo_atom_details         ? 
# 
loop_
_refine_ls_restr.pdbx_refine_id 
_refine_ls_restr.criterion 
_refine_ls_restr.dev_ideal 
_refine_ls_restr.dev_ideal_target 
_refine_ls_restr.number 
_refine_ls_restr.rejects 
_refine_ls_restr.type 
_refine_ls_restr.weight 
_refine_ls_restr.pdbx_restraint_function 
'X-RAY DIFFRACTION' ? 0.006 0.011 498 ? r_bond_refined_d     ? ? 
'X-RAY DIFFRACTION' ? 0.002 0.020 240 ? r_bond_other_d       ? ? 
'X-RAY DIFFRACTION' ? 1.482 1.303 764 ? r_angle_refined_deg  ? ? 
'X-RAY DIFFRACTION' ? 1.686 3.000 568 ? r_angle_other_deg    ? ? 
'X-RAY DIFFRACTION' ? 0.114 0.200 66  ? r_chiral_restr       ? ? 
'X-RAY DIFFRACTION' ? 0.008 0.020 270 ? r_gen_planes_refined ? ? 
'X-RAY DIFFRACTION' ? 0.001 0.020 124 ? r_gen_planes_other   ? ? 
# 
_refine_ls_shell.pdbx_refine_id                   'X-RAY DIFFRACTION' 
_refine_ls_shell.d_res_high                       2.4000 
_refine_ls_shell.d_res_low                        2.4620 
_refine_ls_shell.number_reflns_all                250 
_refine_ls_shell.number_reflns_obs                ? 
_refine_ls_shell.number_reflns_R_free             21 
_refine_ls_shell.number_reflns_R_work             229 
_refine_ls_shell.percent_reflns_obs               100.0000 
_refine_ls_shell.percent_reflns_R_free            ? 
_refine_ls_shell.R_factor_all                     ? 
_refine_ls_shell.R_factor_obs                     ? 
_refine_ls_shell.R_factor_R_free                  0.6050 
_refine_ls_shell.R_factor_R_free_error            0.0000 
_refine_ls_shell.R_factor_R_work                  0.5890 
_refine_ls_shell.redundancy_reflns_all            ? 
_refine_ls_shell.redundancy_reflns_obs            ? 
_refine_ls_shell.wR_factor_all                    ? 
_refine_ls_shell.wR_factor_obs                    ? 
_refine_ls_shell.wR_factor_R_free                 ? 
_refine_ls_shell.wR_factor_R_work                 ? 
_refine_ls_shell.pdbx_total_number_of_bins_used   20 
_refine_ls_shell.pdbx_phase_error                 ? 
_refine_ls_shell.pdbx_fsc_work                    ? 
_refine_ls_shell.pdbx_fsc_free                    ? 
# 
_struct.entry_id                     6TZR 
_struct.title                        'A DNA G-quadruplex/i-motif hybrid' 
_struct.pdbx_model_details           ? 
_struct.pdbx_formula_weight          ? 
_struct.pdbx_formula_weight_method   ? 
_struct.pdbx_model_type_details      ? 
_struct.pdbx_CASP_flag               N 
# 
_struct_keywords.entry_id        6TZR 
_struct_keywords.text            'G-quadruplex, i-motif, quadruplex, hybrid, non-duplex, noncanonical, DNA' 
_struct_keywords.pdbx_keywords   DNA 
# 
loop_
_struct_asym.id 
_struct_asym.pdbx_blank_PDB_chainid_flag 
_struct_asym.pdbx_modified 
_struct_asym.entity_id 
_struct_asym.details 
A N N 1 ? 
B N N 1 ? 
C N N 2 ? 
# 
_struct_ref.id                         1 
_struct_ref.db_name                    PDB 
_struct_ref.db_code                    6TZR 
_struct_ref.pdbx_db_accession          6TZR 
_struct_ref.pdbx_db_isoform            ? 
_struct_ref.entity_id                  1 
_struct_ref.pdbx_seq_one_letter_code   ? 
_struct_ref.pdbx_align_begin           1 
# 
loop_
_struct_ref_seq.align_id 
_struct_ref_seq.ref_id 
_struct_ref_seq.pdbx_PDB_id_code 
_struct_ref_seq.pdbx_strand_id 
_struct_ref_seq.seq_align_beg 
_struct_ref_seq.pdbx_seq_align_beg_ins_code 
_struct_ref_seq.seq_align_end 
_struct_ref_seq.pdbx_seq_align_end_ins_code 
_struct_ref_seq.pdbx_db_accession 
_struct_ref_seq.db_align_beg 
_struct_ref_seq.pdbx_db_align_beg_ins_code 
_struct_ref_seq.db_align_end 
_struct_ref_seq.pdbx_db_align_end_ins_code 
_struct_ref_seq.pdbx_auth_seq_align_beg 
_struct_ref_seq.pdbx_auth_seq_align_end 
1 1 6TZR A 1 ? 11 ? 6TZR 1 ? 11 ? 1 11 
2 1 6TZR B 1 ? 11 ? 6TZR 1 ? 11 ? 1 11 
# 
_pdbx_struct_assembly.id                   1 
_pdbx_struct_assembly.details              author_defined_assembly 
_pdbx_struct_assembly.method_details       ? 
_pdbx_struct_assembly.oligomeric_details   tetrameric 
_pdbx_struct_assembly.oligomeric_count     4 
# 
loop_
_pdbx_struct_assembly_gen.assembly_id 
_pdbx_struct_assembly_gen.oper_expression 
_pdbx_struct_assembly_gen.asym_id_list 
1 1 A,B,C 
1 2 A,B,C 
# 
_pdbx_struct_assembly_auth_evidence.id                     1 
_pdbx_struct_assembly_auth_evidence.assembly_id            1 
_pdbx_struct_assembly_auth_evidence.experimental_support   none 
_pdbx_struct_assembly_auth_evidence.details                ? 
# 
loop_
_pdbx_struct_oper_list.id 
_pdbx_struct_oper_list.type 
_pdbx_struct_oper_list.name 
_pdbx_struct_oper_list.symmetry_operation 
_pdbx_struct_oper_list.matrix[1][1] 
_pdbx_struct_oper_list.matrix[1][2] 
_pdbx_struct_oper_list.matrix[1][3] 
_pdbx_struct_oper_list.vector[1] 
_pdbx_struct_oper_list.matrix[2][1] 
_pdbx_struct_oper_list.matrix[2][2] 
_pdbx_struct_oper_list.matrix[2][3] 
_pdbx_struct_oper_list.vector[2] 
_pdbx_struct_oper_list.matrix[3][1] 
_pdbx_struct_oper_list.matrix[3][2] 
_pdbx_struct_oper_list.matrix[3][3] 
_pdbx_struct_oper_list.vector[3] 
1 'identity operation'         1_555 x,y,z  1.0000000000  0.0000000000 0.0000000000 0.0000000000  0.0000000000 1.0000000000 0.0000000000 0.0000000000  0.0000000000 0.0000000000 1.0000000000  0.0000000000 
2 'crystal symmetry operation' 4_555 y,x,-z -0.9933071660 0.0935674622 0.0677200421 -7.9126420568 0.0935674622 0.3080960786 0.9467428037 -0.7937731419 0.0677200421 0.9467428037 -0.3147889126 1.8787545709 
# 
loop_
_struct_conn.id 
_struct_conn.conn_type_id 
_struct_conn.pdbx_leaving_atom_flag 
_struct_conn.pdbx_PDB_id 
_struct_conn.ptnr1_label_asym_id 
_struct_conn.ptnr1_label_comp_id 
_struct_conn.ptnr1_label_seq_id 
_struct_conn.ptnr1_label_atom_id 
_struct_conn.pdbx_ptnr1_label_alt_id 
_struct_conn.pdbx_ptnr1_PDB_ins_code 
_struct_conn.pdbx_ptnr1_standard_comp_id 
_struct_conn.ptnr1_symmetry 
_struct_conn.ptnr2_label_asym_id 
_struct_conn.ptnr2_label_comp_id 
_struct_conn.ptnr2_label_seq_id 
_struct_conn.ptnr2_label_atom_id 
_struct_conn.pdbx_ptnr2_label_alt_id 
_struct_conn.pdbx_ptnr2_PDB_ins_code 
_struct_conn.ptnr1_auth_asym_id 
_struct_conn.ptnr1_auth_comp_id 
_struct_conn.ptnr1_auth_seq_id 
_struct_conn.ptnr2_auth_asym_id 
_struct_conn.ptnr2_auth_comp_id 
_struct_conn.ptnr2_auth_seq_id 
_struct_conn.ptnr2_symmetry 
_struct_conn.pdbx_ptnr3_label_atom_id 
_struct_conn.pdbx_ptnr3_label_seq_id 
_struct_conn.pdbx_ptnr3_label_comp_id 
_struct_conn.pdbx_ptnr3_label_asym_id 
_struct_conn.pdbx_ptnr3_label_alt_id 
_struct_conn.pdbx_ptnr3_PDB_ins_code 
_struct_conn.details 
_struct_conn.pdbx_dist_value 
_struct_conn.pdbx_value_order 
_struct_conn.pdbx_role 
covale1  covale both ? A DC  6  "O3'" ? ? ? 1_555 A BRU 7  P  ? ? A DC  6   A BRU 7   1_555 ? ? ? ? ? ? ?                    1.584 
? ? 
covale2  covale both ? A BRU 7  "O3'" ? ? ? 1_555 A DG  8  P  ? ? A BRU 7   A DG  8   1_555 ? ? ? ? ? ? ?                    1.608 
? ? 
covale3  covale both ? B DC  6  "O3'" ? ? ? 1_555 B BRU 7  P  ? ? B DC  6   B BRU 7   1_555 ? ? ? ? ? ? ?                    1.609 
? ? 
covale4  covale both ? B BRU 7  "O3'" ? ? ? 1_555 B DG  8  P  ? ? B BRU 7   B DG  8   1_555 ? ? ? ? ? ? ?                    1.584 
? ? 
metalc1  metalc ?    ? A DG  4  O6    ? ? ? 1_555 C BA  .  BA ? ? A DG  4   A BA  101 1_555 ? ? ? ? ? ? ?                    2.503 
? ? 
metalc2  metalc ?    ? A DG  4  O6    ? ? ? 1_555 C BA  .  BA ? ? A DG  4   A BA  101 4_555 ? ? ? ? ? ? ?                    2.504 
? ? 
metalc3  metalc ?    ? A DG  5  O6    ? ? ? 1_555 C BA  .  BA ? ? A DG  5   A BA  101 1_555 ? ? ? ? ? ? ?                    2.686 
? ? 
metalc4  metalc ?    ? A DG  5  O6    ? ? ? 1_555 C BA  .  BA ? ? A DG  5   A BA  101 4_555 ? ? ? ? ? ? ?                    2.687 
? ? 
metalc5  metalc ?    ? C BA  .  BA    ? ? ? 1_555 B DG  4  O6 ? ? A BA  101 B DG  4   1_555 ? ? ? ? ? ? ?                    2.539 
? ? 
metalc6  metalc ?    ? C BA  .  BA    ? ? ? 4_555 B DG  4  O6 ? ? A BA  101 B DG  4   1_555 ? ? ? ? ? ? ?                    2.539 
? ? 
metalc7  metalc ?    ? C BA  .  BA    ? ? ? 1_555 B DG  5  O6 ? ? A BA  101 B DG  5   1_555 ? ? ? ? ? ? ?                    2.815 
? ? 
metalc8  metalc ?    ? C BA  .  BA    ? ? ? 4_555 B DG  5  O6 ? ? A BA  101 B DG  5   1_555 ? ? ? ? ? ? ?                    2.815 
? ? 
hydrog1  hydrog ?    ? A DC  1  N4    ? ? ? 1_555 B DC  1  O2 ? ? A DC  1   B DC  1   1_555 ? ? ? ? ? ? TYPE_15_PAIR         ?     
? ? 
hydrog2  hydrog ?    ? A DC  1  O2    ? ? ? 1_555 B DC  1  N4 ? ? A DC  1   B DC  1   1_555 ? ? ? ? ? ? TYPE_15_PAIR         ?     
? ? 
hydrog3  hydrog ?    ? A DC  2  N4    ? ? ? 1_555 B DC  2  O2 ? ? A DC  2   B DC  2   1_555 ? ? ? ? ? ? TYPE_15_PAIR         ?     
? ? 
hydrog4  hydrog ?    ? A DC  2  O2    ? ? ? 1_555 B DC  2  N4 ? ? A DC  2   B DC  2   1_555 ? ? ? ? ? ? TYPE_15_PAIR         ?     
? ? 
hydrog5  hydrog ?    ? A DA  3  N6    ? ? ? 1_555 A BRU 7  O2 ? ? A DA  3   A BRU 7   4_555 ? ? ? ? ? ? 'REVERSED HOOGSTEEN' ?     
? ? 
hydrog6  hydrog ?    ? A DA  3  N7    ? ? ? 1_555 A BRU 7  N3 ? ? A DA  3   A BRU 7   4_555 ? ? ? ? ? ? 'REVERSED HOOGSTEEN' ?     
? ? 
hydrog7  hydrog ?    ? A DA  3  N1    ? ? ? 1_555 B DA  3  N6 ? ? A DA  3   B DA  3   1_555 ? ? ? ? ? ? TYPE_5_PAIR          ?     
? ? 
hydrog8  hydrog ?    ? A DA  3  N6    ? ? ? 1_555 B DA  3  N7 ? ? A DA  3   B DA  3   1_555 ? ? ? ? ? ? TYPE_5_PAIR          ?     
? ? 
hydrog9  hydrog ?    ? A DG  4  N1    ? ? ? 1_555 A DG  5  O6 ? ? A DG  4   A DG  5   4_555 ? ? ? ? ? ? TYPE_6_PAIR          ?     
? ? 
hydrog10 hydrog ?    ? A DG  4  N2    ? ? ? 1_555 A DG  5  N7 ? ? A DG  4   A DG  5   4_555 ? ? ? ? ? ? TYPE_6_PAIR          ?     
? ? 
hydrog11 hydrog ?    ? A DG  5  N7    ? ? ? 1_555 A DG  4  N2 ? ? A DG  5   A DG  4   4_555 ? ? ? ? ? ? TYPE_6_PAIR          ?     
? ? 
hydrog12 hydrog ?    ? A DG  5  O6    ? ? ? 1_555 A DG  4  N1 ? ? A DG  5   A DG  4   4_555 ? ? ? ? ? ? TYPE_6_PAIR          ?     
? ? 
hydrog13 hydrog ?    ? A BRU 7  N3    ? ? ? 1_555 A DA  3  N7 ? ? A BRU 7   A DA  3   4_555 ? ? ? ? ? ? 'REVERSED HOOGSTEEN' ?     
? ? 
hydrog14 hydrog ?    ? A BRU 7  O2    ? ? ? 1_555 A DA  3  N6 ? ? A BRU 7   A DA  3   4_555 ? ? ? ? ? ? 'REVERSED HOOGSTEEN' ?     
? ? 
hydrog15 hydrog ?    ? A DC  9  N4    ? ? ? 1_555 B DC  9  O2 ? ? A DC  9   B DC  9   1_555 ? ? ? ? ? ? TYPE_15_PAIR         ?     
? ? 
hydrog16 hydrog ?    ? A DC  9  O2    ? ? ? 1_555 B DC  9  N4 ? ? A DC  9   B DC  9   1_555 ? ? ? ? ? ? TYPE_15_PAIR         ?     
? ? 
hydrog17 hydrog ?    ? A DA  10 N1    ? ? ? 1_555 B DA  10 N6 ? ? A DA  10  B DA  10  1_555 ? ? ? ? ? ? TYPE_1_PAIR          ?     
? ? 
hydrog18 hydrog ?    ? A DA  10 N6    ? ? ? 1_555 B DA  10 N1 ? ? A DA  10  B DA  10  1_555 ? ? ? ? ? ? TYPE_1_PAIR          ?     
? ? 
# 
loop_
_struct_conn_type.id 
_struct_conn_type.criteria 
_struct_conn_type.reference 
covale ? ? 
metalc ? ? 
hydrog ? ? 
# 
loop_
_pdbx_struct_conn_angle.id 
_pdbx_struct_conn_angle.ptnr1_label_atom_id 
_pdbx_struct_conn_angle.ptnr1_label_alt_id 
_pdbx_struct_conn_angle.ptnr1_label_asym_id 
_pdbx_struct_conn_angle.ptnr1_label_comp_id 
_pdbx_struct_conn_angle.ptnr1_label_seq_id 
_pdbx_struct_conn_angle.ptnr1_auth_atom_id 
_pdbx_struct_conn_angle.ptnr1_auth_asym_id 
_pdbx_struct_conn_angle.ptnr1_auth_comp_id 
_pdbx_struct_conn_angle.ptnr1_auth_seq_id 
_pdbx_struct_conn_angle.ptnr1_PDB_ins_code 
_pdbx_struct_conn_angle.ptnr1_symmetry 
_pdbx_struct_conn_angle.ptnr2_label_atom_id 
_pdbx_struct_conn_angle.ptnr2_label_alt_id 
_pdbx_struct_conn_angle.ptnr2_label_asym_id 
_pdbx_struct_conn_angle.ptnr2_label_comp_id 
_pdbx_struct_conn_angle.ptnr2_label_seq_id 
_pdbx_struct_conn_angle.ptnr2_auth_atom_id 
_pdbx_struct_conn_angle.ptnr2_auth_asym_id 
_pdbx_struct_conn_angle.ptnr2_auth_comp_id 
_pdbx_struct_conn_angle.ptnr2_auth_seq_id 
_pdbx_struct_conn_angle.ptnr2_PDB_ins_code 
_pdbx_struct_conn_angle.ptnr2_symmetry 
_pdbx_struct_conn_angle.ptnr3_label_atom_id 
_pdbx_struct_conn_angle.ptnr3_label_alt_id 
_pdbx_struct_conn_angle.ptnr3_label_asym_id 
_pdbx_struct_conn_angle.ptnr3_label_comp_id 
_pdbx_struct_conn_angle.ptnr3_label_seq_id 
_pdbx_struct_conn_angle.ptnr3_auth_atom_id 
_pdbx_struct_conn_angle.ptnr3_auth_asym_id 
_pdbx_struct_conn_angle.ptnr3_auth_comp_id 
_pdbx_struct_conn_angle.ptnr3_auth_seq_id 
_pdbx_struct_conn_angle.ptnr3_PDB_ins_code 
_pdbx_struct_conn_angle.ptnr3_symmetry 
_pdbx_struct_conn_angle.value 
_pdbx_struct_conn_angle.value_esd 
1  O6 ? A DG 4 ? A DG 4 ? 1_555 BA ? C BA . ? A BA 101 ? 1_555 O6 ? A DG 4 ? A DG 4 ? 1_555 0.0   ? 
2  O6 ? A DG 4 ? A DG 4 ? 1_555 BA ? C BA . ? A BA 101 ? 1_555 O6 ? A DG 5 ? A DG 5 ? 1_555 66.7  ? 
3  O6 ? A DG 4 ? A DG 4 ? 1_555 BA ? C BA . ? A BA 101 ? 1_555 O6 ? A DG 5 ? A DG 5 ? 1_555 66.7  ? 
4  O6 ? A DG 4 ? A DG 4 ? 1_555 BA ? C BA . ? A BA 101 ? 1_555 O6 ? A DG 5 ? A DG 5 ? 1_555 66.7  ? 
5  O6 ? A DG 4 ? A DG 4 ? 1_555 BA ? C BA . ? A BA 101 ? 1_555 O6 ? A DG 5 ? A DG 5 ? 1_555 66.7  ? 
6  O6 ? A DG 5 ? A DG 5 ? 1_555 BA ? C BA . ? A BA 101 ? 1_555 O6 ? A DG 5 ? A DG 5 ? 1_555 0.0   ? 
7  O6 ? A DG 4 ? A DG 4 ? 1_555 BA ? C BA . ? A BA 101 ? 1_555 O6 ? B DG 4 ? B DG 4 ? 1_555 116.2 ? 
8  O6 ? A DG 4 ? A DG 4 ? 1_555 BA ? C BA . ? A BA 101 ? 1_555 O6 ? B DG 4 ? B DG 4 ? 1_555 116.2 ? 
9  O6 ? A DG 5 ? A DG 5 ? 1_555 BA ? C BA . ? A BA 101 ? 1_555 O6 ? B DG 4 ? B DG 4 ? 1_555 170.1 ? 
10 O6 ? A DG 5 ? A DG 5 ? 1_555 BA ? C BA . ? A BA 101 ? 1_555 O6 ? B DG 4 ? B DG 4 ? 1_555 170.1 ? 
11 O6 ? A DG 4 ? A DG 4 ? 1_555 BA ? C BA . ? A BA 101 ? 1_555 O6 ? B DG 4 ? B DG 4 ? 1_555 116.2 ? 
12 O6 ? A DG 4 ? A DG 4 ? 1_555 BA ? C BA . ? A BA 101 ? 1_555 O6 ? B DG 4 ? B DG 4 ? 1_555 116.2 ? 
13 O6 ? A DG 5 ? A DG 5 ? 1_555 BA ? C BA . ? A BA 101 ? 1_555 O6 ? B DG 4 ? B DG 4 ? 1_555 170.1 ? 
14 O6 ? A DG 5 ? A DG 5 ? 1_555 BA ? C BA . ? A BA 101 ? 1_555 O6 ? B DG 4 ? B DG 4 ? 1_555 170.1 ? 
15 O6 ? B DG 4 ? B DG 4 ? 1_555 BA ? C BA . ? A BA 101 ? 1_555 O6 ? B DG 4 ? B DG 4 ? 1_555 0.0   ? 
16 O6 ? A DG 4 ? A DG 4 ? 1_555 BA ? C BA . ? A BA 101 ? 1_555 O6 ? B DG 5 ? B DG 5 ? 1_555 166.3 ? 
17 O6 ? A DG 4 ? A DG 4 ? 1_555 BA ? C BA . ? A BA 101 ? 1_555 O6 ? B DG 5 ? B DG 5 ? 1_555 166.3 ? 
18 O6 ? A DG 5 ? A DG 5 ? 1_555 BA ? C BA . ? A BA 101 ? 1_555 O6 ? B DG 5 ? B DG 5 ? 1_555 112.2 ? 
19 O6 ? A DG 5 ? A DG 5 ? 1_555 BA ? C BA . ? A BA 101 ? 1_555 O6 ? B DG 5 ? B DG 5 ? 1_555 112.2 ? 
20 O6 ? B DG 4 ? B DG 4 ? 1_555 BA ? C BA . ? A BA 101 ? 1_555 O6 ? B DG 5 ? B DG 5 ? 1_555 67.4  ? 
21 O6 ? B DG 4 ? B DG 4 ? 1_555 BA ? C BA . ? A BA 101 ? 1_555 O6 ? B DG 5 ? B DG 5 ? 1_555 67.4  ? 
22 O6 ? A DG 4 ? A DG 4 ? 1_555 BA ? C BA . ? A BA 101 ? 1_555 O6 ? B DG 5 ? B DG 5 ? 1_555 166.3 ? 
23 O6 ? A DG 4 ? A DG 4 ? 1_555 BA ? C BA . ? A BA 101 ? 1_555 O6 ? B DG 5 ? B DG 5 ? 1_555 166.3 ? 
24 O6 ? A DG 5 ? A DG 5 ? 1_555 BA ? C BA . ? A BA 101 ? 1_555 O6 ? B DG 5 ? B DG 5 ? 1_555 112.2 ? 
25 O6 ? A DG 5 ? A DG 5 ? 1_555 BA ? C BA . ? A BA 101 ? 1_555 O6 ? B DG 5 ? B DG 5 ? 1_555 112.2 ? 
26 O6 ? B DG 4 ? B DG 4 ? 1_555 BA ? C BA . ? A BA 101 ? 1_555 O6 ? B DG 5 ? B DG 5 ? 1_555 67.4  ? 
27 O6 ? B DG 4 ? B DG 4 ? 1_555 BA ? C BA . ? A BA 101 ? 1_555 O6 ? B DG 5 ? B DG 5 ? 1_555 67.4  ? 
28 O6 ? B DG 5 ? B DG 5 ? 1_555 BA ? C BA . ? A BA 101 ? 1_555 O6 ? B DG 5 ? B DG 5 ? 1_555 0.0   ? 
# 
loop_
_struct_site.id 
_struct_site.pdbx_evidence_code 
_struct_site.pdbx_auth_asym_id 
_struct_site.pdbx_auth_comp_id 
_struct_site.pdbx_auth_seq_id 
_struct_site.pdbx_auth_ins_code 
_struct_site.pdbx_num_residues 
_struct_site.details 
AC1 Software A BA  101 ? 8  'binding site for residue BA A 101'                 
AC2 Software B DC  6   ? 7  'binding site for Di-nucleotide DC B 6 and BRU B 7' 
AC3 Software B BRU 7   ? 10 'binding site for Di-nucleotide BRU B 7 and DG B 8' 
# 
loop_
_struct_site_gen.id 
_struct_site_gen.site_id 
_struct_site_gen.pdbx_num_res 
_struct_site_gen.label_comp_id 
_struct_site_gen.label_asym_id 
_struct_site_gen.label_seq_id 
_struct_site_gen.pdbx_auth_ins_code 
_struct_site_gen.auth_comp_id 
_struct_site_gen.auth_asym_id 
_struct_site_gen.auth_seq_id 
_struct_site_gen.label_atom_id 
_struct_site_gen.label_alt_id 
_struct_site_gen.symmetry 
_struct_site_gen.details 
1  AC1 8  DG A 4  ? DG A 4  . ? 4_555 ? 
2  AC1 8  DG A 4  ? DG A 4  . ? 1_555 ? 
3  AC1 8  DG A 5  ? DG A 5  . ? 1_555 ? 
4  AC1 8  DG A 5  ? DG A 5  . ? 4_555 ? 
5  AC1 8  DG B 4  ? DG B 4  . ? 1_555 ? 
6  AC1 8  DG B 4  ? DG B 4  . ? 4_555 ? 
7  AC1 8  DG B 5  ? DG B 5  . ? 4_555 ? 
8  AC1 8  DG B 5  ? DG B 5  . ? 1_555 ? 
9  AC2 7  DC A 6  ? DC A 6  . ? 4_555 ? 
10 AC2 7  DA A 10 ? DA A 10 . ? 6_664 ? 
11 AC2 7  DA B 3  ? DA B 3  . ? 4_555 ? 
12 AC2 7  DG B 5  ? DG B 5  . ? 1_555 ? 
13 AC2 7  DG B 8  ? DG B 8  . ? 1_555 ? 
14 AC2 7  DA B 10 ? DA B 10 . ? 6_664 ? 
15 AC2 7  DA B 11 ? DA B 11 . ? 6_664 ? 
16 AC3 10 DC A 6  ? DC A 6  . ? 4_555 ? 
17 AC3 10 DA A 10 ? DA A 10 . ? 6_664 ? 
18 AC3 10 DA A 11 ? DA A 11 . ? 6_664 ? 
19 AC3 10 DC B 2  ? DC B 2  . ? 4_555 ? 
20 AC3 10 DA B 3  ? DA B 3  . ? 4_555 ? 
21 AC3 10 DG B 5  ? DG B 5  . ? 1_555 ? 
22 AC3 10 DC B 6  ? DC B 6  . ? 1_555 ? 
23 AC3 10 DC B 9  ? DC B 9  . ? 1_555 ? 
24 AC3 10 DA B 10 ? DA B 10 . ? 6_664 ? 
25 AC3 10 DA B 11 ? DA B 11 . ? 6_664 ? 
# 
_pdbx_struct_special_symmetry.id              1 
_pdbx_struct_special_symmetry.PDB_model_num   1 
_pdbx_struct_special_symmetry.auth_asym_id    A 
_pdbx_struct_special_symmetry.auth_comp_id    BA 
_pdbx_struct_special_symmetry.auth_seq_id     101 
_pdbx_struct_special_symmetry.PDB_ins_code    ? 
_pdbx_struct_special_symmetry.label_asym_id   C 
_pdbx_struct_special_symmetry.label_comp_id   BA 
_pdbx_struct_special_symmetry.label_seq_id    . 
# 
_pdbx_entry_details.entry_id                 6TZR 
_pdbx_entry_details.has_ligand_of_interest   N 
_pdbx_entry_details.compound_details         ? 
_pdbx_entry_details.source_details           ? 
_pdbx_entry_details.nonpolymer_details       ? 
_pdbx_entry_details.sequence_details         ? 
# 
loop_
_chem_comp_atom.comp_id 
_chem_comp_atom.atom_id 
_chem_comp_atom.type_symbol 
_chem_comp_atom.pdbx_aromatic_flag 
_chem_comp_atom.pdbx_stereo_config 
_chem_comp_atom.pdbx_ordinal 
BA  BA     BA N N 1   
BRU N1     N  N N 2   
BRU C2     C  N N 3   
BRU N3     N  N N 4   
BRU C4     C  N N 5   
BRU C5     C  N N 6   
BRU C6     C  N N 7   
BRU O2     O  N N 8   
BRU O4     O  N N 9   
BRU BR     BR N N 10  
BRU "C1'"  C  N R 11  
BRU "C2'"  C  N N 12  
BRU "C3'"  C  N S 13  
BRU "C4'"  C  N R 14  
BRU "O3'"  O  N N 15  
BRU "O4'"  O  N N 16  
BRU "C5'"  C  N N 17  
BRU "O5'"  O  N N 18  
BRU P      P  N N 19  
BRU OP1    O  N N 20  
BRU OP2    O  N N 21  
BRU OP3    O  N N 22  
BRU HN3    H  N N 23  
BRU H6     H  N N 24  
BRU "H1'"  H  N N 25  
BRU "H2'"  H  N N 26  
BRU "H2''" H  N N 27  
BRU "H3'"  H  N N 28  
BRU "H4'"  H  N N 29  
BRU "HO3'" H  N N 30  
BRU "H5'"  H  N N 31  
BRU "H5''" H  N N 32  
BRU HOP2   H  N N 33  
BRU HOP3   H  N N 34  
DA  OP3    O  N N 35  
DA  P      P  N N 36  
DA  OP1    O  N N 37  
DA  OP2    O  N N 38  
DA  "O5'"  O  N N 39  
DA  "C5'"  C  N N 40  
DA  "C4'"  C  N R 41  
DA  "O4'"  O  N N 42  
DA  "C3'"  C  N S 43  
DA  "O3'"  O  N N 44  
DA  "C2'"  C  N N 45  
DA  "C1'"  C  N R 46  
DA  N9     N  Y N 47  
DA  C8     C  Y N 48  
DA  N7     N  Y N 49  
DA  C5     C  Y N 50  
DA  C6     C  Y N 51  
DA  N6     N  N N 52  
DA  N1     N  Y N 53  
DA  C2     C  Y N 54  
DA  N3     N  Y N 55  
DA  C4     C  Y N 56  
DA  HOP3   H  N N 57  
DA  HOP2   H  N N 58  
DA  "H5'"  H  N N 59  
DA  "H5''" H  N N 60  
DA  "H4'"  H  N N 61  
DA  "H3'"  H  N N 62  
DA  "HO3'" H  N N 63  
DA  "H2'"  H  N N 64  
DA  "H2''" H  N N 65  
DA  "H1'"  H  N N 66  
DA  H8     H  N N 67  
DA  H61    H  N N 68  
DA  H62    H  N N 69  
DA  H2     H  N N 70  
DC  OP3    O  N N 71  
DC  P      P  N N 72  
DC  OP1    O  N N 73  
DC  OP2    O  N N 74  
DC  "O5'"  O  N N 75  
DC  "C5'"  C  N N 76  
DC  "C4'"  C  N R 77  
DC  "O4'"  O  N N 78  
DC  "C3'"  C  N S 79  
DC  "O3'"  O  N N 80  
DC  "C2'"  C  N N 81  
DC  "C1'"  C  N R 82  
DC  N1     N  N N 83  
DC  C2     C  N N 84  
DC  O2     O  N N 85  
DC  N3     N  N N 86  
DC  C4     C  N N 87  
DC  N4     N  N N 88  
DC  C5     C  N N 89  
DC  C6     C  N N 90  
DC  HOP3   H  N N 91  
DC  HOP2   H  N N 92  
DC  "H5'"  H  N N 93  
DC  "H5''" H  N N 94  
DC  "H4'"  H  N N 95  
DC  "H3'"  H  N N 96  
DC  "HO3'" H  N N 97  
DC  "H2'"  H  N N 98  
DC  "H2''" H  N N 99  
DC  "H1'"  H  N N 100 
DC  H41    H  N N 101 
DC  H42    H  N N 102 
DC  H5     H  N N 103 
DC  H6     H  N N 104 
DG  OP3    O  N N 105 
DG  P      P  N N 106 
DG  OP1    O  N N 107 
DG  OP2    O  N N 108 
DG  "O5'"  O  N N 109 
DG  "C5'"  C  N N 110 
DG  "C4'"  C  N R 111 
DG  "O4'"  O  N N 112 
DG  "C3'"  C  N S 113 
DG  "O3'"  O  N N 114 
DG  "C2'"  C  N N 115 
DG  "C1'"  C  N R 116 
DG  N9     N  Y N 117 
DG  C8     C  Y N 118 
DG  N7     N  Y N 119 
DG  C5     C  Y N 120 
DG  C6     C  N N 121 
DG  O6     O  N N 122 
DG  N1     N  N N 123 
DG  C2     C  N N 124 
DG  N2     N  N N 125 
DG  N3     N  N N 126 
DG  C4     C  Y N 127 
DG  HOP3   H  N N 128 
DG  HOP2   H  N N 129 
DG  "H5'"  H  N N 130 
DG  "H5''" H  N N 131 
DG  "H4'"  H  N N 132 
DG  "H3'"  H  N N 133 
DG  "HO3'" H  N N 134 
DG  "H2'"  H  N N 135 
DG  "H2''" H  N N 136 
DG  "H1'"  H  N N 137 
DG  H8     H  N N 138 
DG  H1     H  N N 139 
DG  H21    H  N N 140 
DG  H22    H  N N 141 
# 
loop_
_chem_comp_bond.comp_id 
_chem_comp_bond.atom_id_1 
_chem_comp_bond.atom_id_2 
_chem_comp_bond.value_order 
_chem_comp_bond.pdbx_aromatic_flag 
_chem_comp_bond.pdbx_stereo_config 
_chem_comp_bond.pdbx_ordinal 
BRU N1    C2     sing N N 1   
BRU N1    C6     sing N N 2   
BRU N1    "C1'"  sing N N 3   
BRU C2    N3     sing N N 4   
BRU C2    O2     doub N N 5   
BRU N3    C4     sing N N 6   
BRU N3    HN3    sing N N 7   
BRU C4    C5     sing N N 8   
BRU C4    O4     doub N N 9   
BRU C5    C6     doub N N 10  
BRU C5    BR     sing N N 11  
BRU C6    H6     sing N N 12  
BRU "C1'" "C2'"  sing N N 13  
BRU "C1'" "O4'"  sing N N 14  
BRU "C1'" "H1'"  sing N N 15  
BRU "C2'" "C3'"  sing N N 16  
BRU "C2'" "H2'"  sing N N 17  
BRU "C2'" "H2''" sing N N 18  
BRU "C3'" "C4'"  sing N N 19  
BRU "C3'" "O3'"  sing N N 20  
BRU "C3'" "H3'"  sing N N 21  
BRU "C4'" "O4'"  sing N N 22  
BRU "C4'" "C5'"  sing N N 23  
BRU "C4'" "H4'"  sing N N 24  
BRU "O3'" "HO3'" sing N N 25  
BRU "C5'" "O5'"  sing N N 26  
BRU "C5'" "H5'"  sing N N 27  
BRU "C5'" "H5''" sing N N 28  
BRU "O5'" P      sing N N 29  
BRU P     OP1    doub N N 30  
BRU P     OP2    sing N N 31  
BRU P     OP3    sing N N 32  
BRU OP2   HOP2   sing N N 33  
BRU OP3   HOP3   sing N N 34  
DA  OP3   P      sing N N 35  
DA  OP3   HOP3   sing N N 36  
DA  P     OP1    doub N N 37  
DA  P     OP2    sing N N 38  
DA  P     "O5'"  sing N N 39  
DA  OP2   HOP2   sing N N 40  
DA  "O5'" "C5'"  sing N N 41  
DA  "C5'" "C4'"  sing N N 42  
DA  "C5'" "H5'"  sing N N 43  
DA  "C5'" "H5''" sing N N 44  
DA  "C4'" "O4'"  sing N N 45  
DA  "C4'" "C3'"  sing N N 46  
DA  "C4'" "H4'"  sing N N 47  
DA  "O4'" "C1'"  sing N N 48  
DA  "C3'" "O3'"  sing N N 49  
DA  "C3'" "C2'"  sing N N 50  
DA  "C3'" "H3'"  sing N N 51  
DA  "O3'" "HO3'" sing N N 52  
DA  "C2'" "C1'"  sing N N 53  
DA  "C2'" "H2'"  sing N N 54  
DA  "C2'" "H2''" sing N N 55  
DA  "C1'" N9     sing N N 56  
DA  "C1'" "H1'"  sing N N 57  
DA  N9    C8     sing Y N 58  
DA  N9    C4     sing Y N 59  
DA  C8    N7     doub Y N 60  
DA  C8    H8     sing N N 61  
DA  N7    C5     sing Y N 62  
DA  C5    C6     sing Y N 63  
DA  C5    C4     doub Y N 64  
DA  C6    N6     sing N N 65  
DA  C6    N1     doub Y N 66  
DA  N6    H61    sing N N 67  
DA  N6    H62    sing N N 68  
DA  N1    C2     sing Y N 69  
DA  C2    N3     doub Y N 70  
DA  C2    H2     sing N N 71  
DA  N3    C4     sing Y N 72  
DC  OP3   P      sing N N 73  
DC  OP3   HOP3   sing N N 74  
DC  P     OP1    doub N N 75  
DC  P     OP2    sing N N 76  
DC  P     "O5'"  sing N N 77  
DC  OP2   HOP2   sing N N 78  
DC  "O5'" "C5'"  sing N N 79  
DC  "C5'" "C4'"  sing N N 80  
DC  "C5'" "H5'"  sing N N 81  
DC  "C5'" "H5''" sing N N 82  
DC  "C4'" "O4'"  sing N N 83  
DC  "C4'" "C3'"  sing N N 84  
DC  "C4'" "H4'"  sing N N 85  
DC  "O4'" "C1'"  sing N N 86  
DC  "C3'" "O3'"  sing N N 87  
DC  "C3'" "C2'"  sing N N 88  
DC  "C3'" "H3'"  sing N N 89  
DC  "O3'" "HO3'" sing N N 90  
DC  "C2'" "C1'"  sing N N 91  
DC  "C2'" "H2'"  sing N N 92  
DC  "C2'" "H2''" sing N N 93  
DC  "C1'" N1     sing N N 94  
DC  "C1'" "H1'"  sing N N 95  
DC  N1    C2     sing N N 96  
DC  N1    C6     sing N N 97  
DC  C2    O2     doub N N 98  
DC  C2    N3     sing N N 99  
DC  N3    C4     doub N N 100 
DC  C4    N4     sing N N 101 
DC  C4    C5     sing N N 102 
DC  N4    H41    sing N N 103 
DC  N4    H42    sing N N 104 
DC  C5    C6     doub N N 105 
DC  C5    H5     sing N N 106 
DC  C6    H6     sing N N 107 
DG  OP3   P      sing N N 108 
DG  OP3   HOP3   sing N N 109 
DG  P     OP1    doub N N 110 
DG  P     OP2    sing N N 111 
DG  P     "O5'"  sing N N 112 
DG  OP2   HOP2   sing N N 113 
DG  "O5'" "C5'"  sing N N 114 
DG  "C5'" "C4'"  sing N N 115 
DG  "C5'" "H5'"  sing N N 116 
DG  "C5'" "H5''" sing N N 117 
DG  "C4'" "O4'"  sing N N 118 
DG  "C4'" "C3'"  sing N N 119 
DG  "C4'" "H4'"  sing N N 120 
DG  "O4'" "C1'"  sing N N 121 
DG  "C3'" "O3'"  sing N N 122 
DG  "C3'" "C2'"  sing N N 123 
DG  "C3'" "H3'"  sing N N 124 
DG  "O3'" "HO3'" sing N N 125 
DG  "C2'" "C1'"  sing N N 126 
DG  "C2'" "H2'"  sing N N 127 
DG  "C2'" "H2''" sing N N 128 
DG  "C1'" N9     sing N N 129 
DG  "C1'" "H1'"  sing N N 130 
DG  N9    C8     sing Y N 131 
DG  N9    C4     sing Y N 132 
DG  C8    N7     doub Y N 133 
DG  C8    H8     sing N N 134 
DG  N7    C5     sing Y N 135 
DG  C5    C6     sing N N 136 
DG  C5    C4     doub Y N 137 
DG  C6    O6     doub N N 138 
DG  C6    N1     sing N N 139 
DG  N1    C2     sing N N 140 
DG  N1    H1     sing N N 141 
DG  C2    N2     sing N N 142 
DG  C2    N3     doub N N 143 
DG  N2    H21    sing N N 144 
DG  N2    H22    sing N N 145 
DG  N3    C4     sing N N 146 
# 
_ndb_struct_conf_na.entry_id   6TZR 
_ndb_struct_conf_na.feature    'double helix' 
# 
loop_
_ndb_struct_na_base_pair.model_number 
_ndb_struct_na_base_pair.i_label_asym_id 
_ndb_struct_na_base_pair.i_label_comp_id 
_ndb_struct_na_base_pair.i_label_seq_id 
_ndb_struct_na_base_pair.i_symmetry 
_ndb_struct_na_base_pair.j_label_asym_id 
_ndb_struct_na_base_pair.j_label_comp_id 
_ndb_struct_na_base_pair.j_label_seq_id 
_ndb_struct_na_base_pair.j_symmetry 
_ndb_struct_na_base_pair.shear 
_ndb_struct_na_base_pair.stretch 
_ndb_struct_na_base_pair.stagger 
_ndb_struct_na_base_pair.buckle 
_ndb_struct_na_base_pair.propeller 
_ndb_struct_na_base_pair.opening 
_ndb_struct_na_base_pair.pair_number 
_ndb_struct_na_base_pair.pair_name 
_ndb_struct_na_base_pair.i_auth_asym_id 
_ndb_struct_na_base_pair.i_auth_seq_id 
_ndb_struct_na_base_pair.i_PDB_ins_code 
_ndb_struct_na_base_pair.j_auth_asym_id 
_ndb_struct_na_base_pair.j_auth_seq_id 
_ndb_struct_na_base_pair.j_PDB_ins_code 
_ndb_struct_na_base_pair.hbond_type_28 
_ndb_struct_na_base_pair.hbond_type_12 
1 A DC  1  1_555 B DC  1  1_555 1.876  0.703   -0.296 -8.189  7.114   173.926  1  A_DC1:DC1_B   A 1  ? B 1  ? 15 2 
1 A DC  2  1_555 B DC  2  1_555 -1.915 -1.435  0.208  -1.718  2.186   -178.543 2  A_DC2:DC2_B   A 2  ? B 2  ? 15 2 
1 A DA  3  1_555 B DA  3  1_555 4.151  1.382   0.807  -9.998  11.499  -110.041 3  A_DA3:DA3_B   A 3  ? B 3  ? 5  4 
1 A DC  9  1_555 B DC  9  1_555 2.065  1.284   0.071  -0.088  6.441   178.203  4  A_DC9:DC9_B   A 9  ? B 9  ? 15 2 
1 A DA  10 1_555 B DA  10 1_555 1.573  1.665   0.311  9.676   15.447  -167.690 5  A_DA10:DA10_B A 10 ? B 10 ? 1  2 
1 A DA  3  1_555 A BRU 7  4_555 -4.083 -1.851  -0.549 5.220   -5.638  -98.285  6  A_DA3:BRU7_A  A 3  ? A 7  ? 24 4 
1 A DG  4  1_555 A DG  5  4_555 1.560  3.277   0.340  -6.704  -2.452  -90.194  7  A_DG4:DG5_A   A 4  ? A 5  ? 6  3 
1 A DG  5  1_555 A DG  4  4_555 -1.560 -3.277  -0.340 6.704   2.452   90.194   8  A_DG5:DG4_A   A 5  ? A 4  ? 6  3 
1 A BRU 7  1_555 A DA  3  4_555 4.083  -1.851  -0.549 -5.220  -5.638  -98.285  9  A_BRU7:DA3_A  A 7  ? A 3  ? 24 4 
1 B DA  3  1_555 B BRU 7  4_555 -3.577 10.056  -3.978 -32.322 -25.939 25.212   10 B_DA3:BRU7_B  B 3  ? B 7  ? 24 4 
1 B DG  4  1_555 B DG  5  4_555 1.521  3.271   -0.169 1.359   0.280   -93.320  11 B_DG4:DG5_B   B 4  ? B 5  ? 6  3 
1 B DG  5  1_555 B DG  4  4_555 -1.521 -3.271  0.169  -1.359  -0.280  93.320   12 B_DG5:DG4_B   B 5  ? B 4  ? 6  3 
1 B BRU 7  1_555 B DA  3  4_555 3.577  -10.056 3.978  32.322  25.939  -25.212  13 B_BRU7:DA3_B  B 7  ? B 3  ? 24 4 
# 
loop_
_ndb_struct_na_base_pair_step.model_number 
_ndb_struct_na_base_pair_step.i_label_asym_id_1 
_ndb_struct_na_base_pair_step.i_label_comp_id_1 
_ndb_struct_na_base_pair_step.i_label_seq_id_1 
_ndb_struct_na_base_pair_step.i_symmetry_1 
_ndb_struct_na_base_pair_step.j_label_asym_id_1 
_ndb_struct_na_base_pair_step.j_label_comp_id_1 
_ndb_struct_na_base_pair_step.j_label_seq_id_1 
_ndb_struct_na_base_pair_step.j_symmetry_1 
_ndb_struct_na_base_pair_step.i_label_asym_id_2 
_ndb_struct_na_base_pair_step.i_label_comp_id_2 
_ndb_struct_na_base_pair_step.i_label_seq_id_2 
_ndb_struct_na_base_pair_step.i_symmetry_2 
_ndb_struct_na_base_pair_step.j_label_asym_id_2 
_ndb_struct_na_base_pair_step.j_label_comp_id_2 
_ndb_struct_na_base_pair_step.j_label_seq_id_2 
_ndb_struct_na_base_pair_step.j_symmetry_2 
_ndb_struct_na_base_pair_step.shift 
_ndb_struct_na_base_pair_step.slide 
_ndb_struct_na_base_pair_step.rise 
_ndb_struct_na_base_pair_step.tilt 
_ndb_struct_na_base_pair_step.roll 
_ndb_struct_na_base_pair_step.twist 
_ndb_struct_na_base_pair_step.x_displacement 
_ndb_struct_na_base_pair_step.y_displacement 
_ndb_struct_na_base_pair_step.helical_rise 
_ndb_struct_na_base_pair_step.inclination 
_ndb_struct_na_base_pair_step.tip 
_ndb_struct_na_base_pair_step.helical_twist 
_ndb_struct_na_base_pair_step.step_number 
_ndb_struct_na_base_pair_step.step_name 
_ndb_struct_na_base_pair_step.i_auth_asym_id_1 
_ndb_struct_na_base_pair_step.i_auth_seq_id_1 
_ndb_struct_na_base_pair_step.i_PDB_ins_code_1 
_ndb_struct_na_base_pair_step.j_auth_asym_id_1 
_ndb_struct_na_base_pair_step.j_auth_seq_id_1 
_ndb_struct_na_base_pair_step.j_PDB_ins_code_1 
_ndb_struct_na_base_pair_step.i_auth_asym_id_2 
_ndb_struct_na_base_pair_step.i_auth_seq_id_2 
_ndb_struct_na_base_pair_step.i_PDB_ins_code_2 
_ndb_struct_na_base_pair_step.j_auth_asym_id_2 
_ndb_struct_na_base_pair_step.j_auth_seq_id_2 
_ndb_struct_na_base_pair_step.j_PDB_ins_code_2 
1 A DC 1 1_555 B DC  1 1_555 A DC  2  1_555 B DC 2  1_555 -0.115 0.124  6.608  6.070   2.856    -146.311 -0.091 -0.005 6.608  
-1.492  3.171   -146.371 1 AA_DC1DC2:DC2DC1_BB   A 1 ? B 1 ? A 2  ? B 2  ? 
1 A DC 2 1_555 B DC  2 1_555 A DA  3  1_555 B DA 3  1_555 -2.625 1.213  6.508  2.394   -2.612   -36.156  -1.207 -3.533 6.730  
4.197   3.847   -36.323  2 AA_DC2DA3:DA3DC2_BB   A 2 ? B 2 ? A 3  ? B 3  ? 
1 A DC 9 1_555 B DC  9 1_555 A DA  10 1_555 B DA 10 1_555 0.776  -1.223 6.667  9.303   0.741    -161.934 0.616  0.436  6.658  
-0.375  4.710   -161.995 3 AA_DC9DA10:DA10DC9_BB A 9 ? B 9 ? A 10 ? B 10 ? 
1 A DA 3 1_555 A BRU 7 4_555 A DG  4  1_555 A DG 5  4_555 -3.296 -0.482 -0.005 -15.904 174.663  99.915   -0.219 1.651  -0.121 
87.870  8.001   177.031  4 AA_DA3DG4:DG5BRU7_AA  A 3 ? A 7 ? A 4  ? A 5  ? 
1 A DG 4 1_555 A DG  5 4_555 A DG  5  1_555 A DG 4  4_555 1.381  3.152  0.000  -61.020 153.922  -180.000 -1.811 0.560  0.000  
-73.038 -38.978 -180.000 5 AA_DG4DG5:DG4DG5_AA   A 4 ? A 5 ? A 5  ? A 4  ? 
1 A DG 5 1_555 A DG  4 4_555 A BRU 7  1_555 A DA 3  4_555 -0.121 0.136  3.327  -2.969  3.533    -169.595 -0.073 -0.064 3.326  
-1.774  -1.491  -169.603 6 AA_DG5BRU7:DA3DG4_AA  A 5 ? A 4 ? A 7  ? A 3  ? 
1 B DA 3 1_555 B BRU 7 4_555 B DG  4  1_555 B DG 5  4_555 4.769  6.642  -4.402 -21.483 -1.682   62.328   6.021  -2.989 -5.763 
-1.576  20.129  65.592   7 BB_DA3DG4:DG5BRU7_BB  B 3 ? B 7 ? B 4  ? B 5  ? 
1 B DG 4 1_555 B DG  5 4_555 B DG  5  1_555 B DG 4  4_555 -1.543 -3.424 0.000  80.940  -147.351 180.000  -1.712 0.771  0.000  
-73.676 -40.470 180.000  8 BB_DG4DG5:DG4DG5_BB   B 4 ? B 5 ? B 5  ? B 4  ? 
1 B DG 5 1_555 B DG  4 4_555 B BRU 7  1_555 B DA 3  4_555 -4.769 -6.642 4.402  21.483  1.682    -62.328  6.021  -2.989 5.763  
-1.576  20.129  -65.592  9 BB_DG5BRU7:DA3DG4_BB  B 5 ? B 4 ? B 7  ? B 3  ? 
# 
_pdbx_audit_support.funding_organization   'National Science Foundation (NSF, United States)' 
_pdbx_audit_support.country                'United States' 
_pdbx_audit_support.grant_number           1149665 
_pdbx_audit_support.ordinal                1 
# 
_atom_sites.entry_id                    6TZR 
_atom_sites.Cartn_transf_matrix[1][1]   ? 
_atom_sites.Cartn_transf_matrix[1][2]   ? 
_atom_sites.Cartn_transf_matrix[1][3]   ? 
_atom_sites.Cartn_transf_matrix[2][1]   ? 
_atom_sites.Cartn_transf_matrix[2][2]   ? 
_atom_sites.Cartn_transf_matrix[2][3]   ? 
_atom_sites.Cartn_transf_matrix[3][1]   ? 
_atom_sites.Cartn_transf_matrix[3][2]   ? 
_atom_sites.Cartn_transf_matrix[3][3]   ? 
_atom_sites.Cartn_transf_vector[1]      ? 
_atom_sites.Cartn_transf_vector[2]      ? 
_atom_sites.Cartn_transf_vector[3]      ? 
_atom_sites.fract_transf_matrix[1][1]   -0.00094802 
_atom_sites.fract_transf_matrix[1][2]   -0.01271028 
_atom_sites.fract_transf_matrix[1][3]   -0.02839539 
_atom_sites.fract_transf_matrix[2][1]   -0.00217054 
_atom_sites.fract_transf_matrix[2][2]   -0.03088806 
_atom_sites.fract_transf_matrix[2][3]   -0.00315945 
_atom_sites.fract_transf_matrix[3][1]   -0.01014710 
_atom_sites.fract_transf_matrix[3][2]   0.00071095 
_atom_sites.fract_transf_matrix[3][3]   0.00002054 
_atom_sites.fract_transf_vector[1]      0.526792 
_atom_sites.fract_transf_vector[2]      0.491043 
_atom_sites.fract_transf_vector[3]      -0.039882 
_atom_sites.solution_primary            ? 
_atom_sites.solution_secondary          ? 
_atom_sites.solution_hydrogens          ? 
_atom_sites.special_details             ? 
# 
loop_
_atom_type.symbol 
BA 
BR 
C  
N  
O  
P  
# 
loop_
_atom_site.group_PDB 
_atom_site.id 
_atom_site.type_symbol 
_atom_site.label_atom_id 
_atom_site.label_alt_id 
_atom_site.label_comp_id 
_atom_site.label_asym_id 
_atom_site.label_entity_id 
_atom_site.label_seq_id 
_atom_site.pdbx_PDB_ins_code 
_atom_site.Cartn_x 
_atom_site.Cartn_y 
_atom_site.Cartn_z 
_atom_site.occupancy 
_atom_site.B_iso_or_equiv 
_atom_site.pdbx_formal_charge 
_atom_site.auth_seq_id 
_atom_site.auth_comp_id 
_atom_site.auth_asym_id 
_atom_site.auth_atom_id 
_atom_site.pdbx_PDB_model_num 
ATOM   1   O  "O5'" . DC  A 1 1  ? -21.464 -9.652  8.618   1.00 122.26 ? 1   DC  A "O5'" 1 
ATOM   2   C  "C5'" . DC  A 1 1  ? -21.264 -10.564 7.518   1.00 115.77 ? 1   DC  A "C5'" 1 
ATOM   3   C  "C4'" . DC  A 1 1  ? -20.306 -9.961  6.518   1.00 111.36 ? 1   DC  A "C4'" 1 
ATOM   4   O  "O4'" . DC  A 1 1  ? -20.526 -8.527  6.479   1.00 107.63 ? 1   DC  A "O4'" 1 
ATOM   5   C  "C3'" . DC  A 1 1  ? -18.831 -10.132 6.883   1.00 104.90 ? 1   DC  A "C3'" 1 
ATOM   6   O  "O3'" . DC  A 1 1  ? -17.996 -10.066 5.722   1.00 105.61 ? 1   DC  A "O3'" 1 
ATOM   7   C  "C2'" . DC  A 1 1  ? -18.583 -8.902  7.723   1.00 104.65 ? 1   DC  A "C2'" 1 
ATOM   8   C  "C1'" . DC  A 1 1  ? -19.325 -7.888  6.871   1.00 99.31  ? 1   DC  A "C1'" 1 
ATOM   9   N  N1    . DC  A 1 1  ? -19.644 -6.616  7.539   1.00 87.90  ? 1   DC  A N1    1 
ATOM   10  C  C2    . DC  A 1 1  ? -20.162 -5.562  6.778   1.00 80.71  ? 1   DC  A C2    1 
ATOM   11  O  O2    . DC  A 1 1  ? -20.458 -5.764  5.589   1.00 76.02  ? 1   DC  A O2    1 
ATOM   12  N  N3    . DC  A 1 1  ? -20.357 -4.360  7.363   1.00 76.96  ? 1   DC  A N3    1 
ATOM   13  C  C4    . DC  A 1 1  ? -20.029 -4.181  8.645   1.00 77.74  ? 1   DC  A C4    1 
ATOM   14  N  N4    . DC  A 1 1  ? -20.251 -2.984  9.185   1.00 80.45  ? 1   DC  A N4    1 
ATOM   15  C  C5    . DC  A 1 1  ? -19.480 -5.231  9.435   1.00 74.95  ? 1   DC  A C5    1 
ATOM   16  C  C6    . DC  A 1 1  ? -19.291 -6.415  8.845   1.00 75.28  ? 1   DC  A C6    1 
ATOM   17  P  P     . DC  A 1 2  ? -16.415 -10.396 5.821   1.00 100.82 ? 2   DC  A P     1 
ATOM   18  O  OP1   . DC  A 1 2  ? -16.228 -11.820 5.454   1.00 95.55  ? 2   DC  A OP1   1 
ATOM   19  O  OP2   . DC  A 1 2  ? -15.882 -9.886  7.114   1.00 88.91  ? 2   DC  A OP2   1 
ATOM   20  O  "O5'" . DC  A 1 2  ? -15.801 -9.512  4.651   1.00 84.25  ? 2   DC  A "O5'" 1 
ATOM   21  C  "C5'" . DC  A 1 2  ? -16.198 -9.780  3.301   1.00 82.53  ? 2   DC  A "C5'" 1 
ATOM   22  C  "C4'" . DC  A 1 2  ? -15.711 -8.683  2.390   1.00 79.52  ? 2   DC  A "C4'" 1 
ATOM   23  O  "O4'" . DC  A 1 2  ? -16.071 -7.394  2.925   1.00 82.70  ? 2   DC  A "O4'" 1 
ATOM   24  C  "C3'" . DC  A 1 2  ? -14.204 -8.618  2.237   1.00 75.00  ? 2   DC  A "C3'" 1 
ATOM   25  O  "O3'" . DC  A 1 2  ? -13.795 -9.539  1.229   1.00 79.48  ? 2   DC  A "O3'" 1 
ATOM   26  C  "C2'" . DC  A 1 2  ? -13.984 -7.175  1.824   1.00 76.78  ? 2   DC  A "C2'" 1 
ATOM   27  C  "C1'" . DC  A 1 2  ? -15.127 -6.421  2.495   1.00 69.98  ? 2   DC  A "C1'" 1 
ATOM   28  N  N1    . DC  A 1 2  ? -14.711 -5.655  3.676   1.00 65.75  ? 2   DC  A N1    1 
ATOM   29  C  C2    . DC  A 1 2  ? -14.804 -4.257  3.657   1.00 66.24  ? 2   DC  A C2    1 
ATOM   30  O  O2    . DC  A 1 2  ? -15.233 -3.696  2.637   1.00 61.74  ? 2   DC  A O2    1 
ATOM   31  N  N3    . DC  A 1 2  ? -14.431 -3.555  4.752   1.00 61.31  ? 2   DC  A N3    1 
ATOM   32  C  C4    . DC  A 1 2  ? -13.970 -4.195  5.829   1.00 64.20  ? 2   DC  A C4    1 
ATOM   33  N  N4    . DC  A 1 2  ? -13.602 -3.462  6.881   1.00 71.87  ? 2   DC  A N4    1 
ATOM   34  C  C5    . DC  A 1 2  ? -13.864 -5.616  5.874   1.00 62.25  ? 2   DC  A C5    1 
ATOM   35  C  C6    . DC  A 1 2  ? -14.245 -6.300  4.787   1.00 64.01  ? 2   DC  A C6    1 
ATOM   36  P  P     . DA  A 1 3  ? -12.255 -9.923  1.090   1.00 80.20  ? 3   DA  A P     1 
ATOM   37  O  OP1   . DA  A 1 3  ? -12.182 -11.170 0.290   1.00 79.23  ? 3   DA  A OP1   1 
ATOM   38  O  OP2   . DA  A 1 3  ? -11.665 -9.888  2.458   1.00 71.96  ? 3   DA  A OP2   1 
ATOM   39  O  "O5'" . DA  A 1 3  ? -11.673 -8.763  0.158   1.00 68.57  ? 3   DA  A "O5'" 1 
ATOM   40  C  "C5'" . DA  A 1 3  ? -12.315 -8.490  -1.110  1.00 72.09  ? 3   DA  A "C5'" 1 
ATOM   41  C  "C4'" . DA  A 1 3  ? -11.425 -7.703  -2.048  1.00 71.74  ? 3   DA  A "C4'" 1 
ATOM   42  O  "O4'" . DA  A 1 3  ? -10.968 -6.465  -1.448  1.00 69.09  ? 3   DA  A "O4'" 1 
ATOM   43  C  "C3'" . DA  A 1 3  ? -10.158 -8.420  -2.503  1.00 71.12  ? 3   DA  A "C3'" 1 
ATOM   44  O  "O3'" . DA  A 1 3  ? -9.835  -7.983  -3.817  1.00 65.01  ? 3   DA  A "O3'" 1 
ATOM   45  C  "C2'" . DA  A 1 3  ? -9.103  -7.857  -1.579  1.00 72.43  ? 3   DA  A "C2'" 1 
ATOM   46  C  "C1'" . DA  A 1 3  ? -9.550  -6.413  -1.517  1.00 67.47  ? 3   DA  A "C1'" 1 
ATOM   47  N  N9    . DA  A 1 3  ? -9.085  -5.687  -0.350  1.00 64.86  ? 3   DA  A N9    1 
ATOM   48  C  C8    . DA  A 1 3  ? -8.657  -6.174  0.860   1.00 65.23  ? 3   DA  A C8    1 
ATOM   49  N  N7    . DA  A 1 3  ? -8.340  -5.240  1.722   1.00 67.06  ? 3   DA  A N7    1 
ATOM   50  C  C5    . DA  A 1 3  ? -8.578  -4.059  1.034   1.00 59.61  ? 3   DA  A C5    1 
ATOM   51  C  C6    . DA  A 1 3  ? -8.449  -2.712  1.401   1.00 59.95  ? 3   DA  A C6    1 
ATOM   52  N  N6    . DA  A 1 3  ? -8.014  -2.313  2.597   1.00 63.22  ? 3   DA  A N6    1 
ATOM   53  N  N1    . DA  A 1 3  ? -8.785  -1.775  0.487   1.00 64.43  ? 3   DA  A N1    1 
ATOM   54  C  C2    . DA  A 1 3  ? -9.214  -2.180  -0.719  1.00 64.63  ? 3   DA  A C2    1 
ATOM   55  N  N3    . DA  A 1 3  ? -9.373  -3.418  -1.181  1.00 63.98  ? 3   DA  A N3    1 
ATOM   56  C  C4    . DA  A 1 3  ? -9.040  -4.320  -0.241  1.00 60.05  ? 3   DA  A C4    1 
ATOM   57  P  P     . DG  A 1 4  ? -9.723  -9.043  -4.957  1.00 74.75  ? 4   DG  A P     1 
ATOM   58  O  OP1   . DG  A 1 4  ? -11.049 -9.692  -5.099  1.00 82.68  ? 4   DG  A OP1   1 
ATOM   59  O  OP2   . DG  A 1 4  ? -8.538  -9.883  -4.682  1.00 65.22  ? 4   DG  A OP2   1 
ATOM   60  O  "O5'" . DG  A 1 4  ? -9.429  -8.145  -6.234  1.00 64.93  ? 4   DG  A "O5'" 1 
ATOM   61  C  "C5'" . DG  A 1 4  ? -8.091  -7.755  -6.538  1.00 65.56  ? 4   DG  A "C5'" 1 
ATOM   62  C  "C4'" . DG  A 1 4  ? -8.101  -6.438  -7.276  1.00 62.51  ? 4   DG  A "C4'" 1 
ATOM   63  O  "O4'" . DG  A 1 4  ? -8.249  -5.351  -6.332  1.00 66.99  ? 4   DG  A "O4'" 1 
ATOM   64  C  "C3'" . DG  A 1 4  ? -6.821  -6.158  -8.066  1.00 60.79  ? 4   DG  A "C3'" 1 
ATOM   65  O  "O3'" . DG  A 1 4  ? -7.189  -5.953  -9.431  1.00 59.80  ? 4   DG  A "O3'" 1 
ATOM   66  C  "C2'" . DG  A 1 4  ? -6.220  -4.942  -7.374  1.00 62.25  ? 4   DG  A "C2'" 1 
ATOM   67  C  "C1'" . DG  A 1 4  ? -7.427  -4.282  -6.744  1.00 59.41  ? 4   DG  A "C1'" 1 
ATOM   68  N  N9    . DG  A 1 4  ? -7.141  -3.453  -5.577  1.00 59.72  ? 4   DG  A N9    1 
ATOM   69  C  C8    . DG  A 1 4  ? -7.194  -2.082  -5.528  1.00 70.53  ? 4   DG  A C8    1 
ATOM   70  N  N7    . DG  A 1 4  ? -6.882  -1.597  -4.356  1.00 63.79  ? 4   DG  A N7    1 
ATOM   71  C  C5    . DG  A 1 4  ? -6.602  -2.713  -3.586  1.00 57.27  ? 4   DG  A C5    1 
ATOM   72  C  C6    . DG  A 1 4  ? -6.199  -2.811  -2.231  1.00 58.99  ? 4   DG  A C6    1 
ATOM   73  O  O6    . DG  A 1 4  ? -5.988  -1.899  -1.421  1.00 69.42  ? 4   DG  A O6    1 
ATOM   74  N  N1    . DG  A 1 4  ? -6.013  -4.135  -1.847  1.00 56.95  ? 4   DG  A N1    1 
ATOM   75  C  C2    . DG  A 1 4  ? -6.189  -5.224  -2.665  1.00 61.19  ? 4   DG  A C2    1 
ATOM   76  N  N2    . DG  A 1 4  ? -5.962  -6.419  -2.106  1.00 58.65  ? 4   DG  A N2    1 
ATOM   77  N  N3    . DG  A 1 4  ? -6.558  -5.146  -3.937  1.00 48.52  ? 4   DG  A N3    1 
ATOM   78  C  C4    . DG  A 1 4  ? -6.752  -3.869  -4.325  1.00 55.18  ? 4   DG  A C4    1 
ATOM   79  P  P     . DG  A 1 5  ? -6.076  -5.640  -10.520 1.00 72.58  ? 5   DG  A P     1 
ATOM   80  O  OP1   . DG  A 1 5  ? -6.716  -5.627  -11.863 1.00 67.66  ? 5   DG  A OP1   1 
ATOM   81  O  OP2   . DG  A 1 5  ? -4.938  -6.548  -10.262 1.00 77.40  ? 5   DG  A OP2   1 
ATOM   82  O  "O5'" . DG  A 1 5  ? -5.658  -4.132  -10.208 1.00 66.93  ? 5   DG  A "O5'" 1 
ATOM   83  C  "C5'" . DG  A 1 5  ? -6.588  -3.043  -10.343 1.00 64.53  ? 5   DG  A "C5'" 1 
ATOM   84  C  "C4'" . DG  A 1 5  ? -5.882  -1.742  -10.041 1.00 68.63  ? 5   DG  A "C4'" 1 
ATOM   85  O  "O4'" . DG  A 1 5  ? -5.702  -1.611  -8.607  1.00 79.46  ? 5   DG  A "O4'" 1 
ATOM   86  C  "C3'" . DG  A 1 5  ? -4.479  -1.633  -10.640 1.00 68.41  ? 5   DG  A "C3'" 1 
ATOM   87  O  "O3'" . DG  A 1 5  ? -4.147  -0.286  -10.981 1.00 74.30  ? 5   DG  A "O3'" 1 
ATOM   88  C  "C2'" . DG  A 1 5  ? -3.581  -1.986  -9.468  1.00 71.28  ? 5   DG  A "C2'" 1 
ATOM   89  C  "C1'" . DG  A 1 5  ? -4.337  -1.307  -8.347  1.00 70.48  ? 5   DG  A "C1'" 1 
ATOM   90  N  N9    . DG  A 1 5  ? -4.019  -1.744  -6.989  1.00 69.61  ? 5   DG  A N9    1 
ATOM   91  C  C8    . DG  A 1 5  ? -3.610  -2.996  -6.598  1.00 68.67  ? 5   DG  A C8    1 
ATOM   92  N  N7    . DG  A 1 5  ? -3.392  -3.084  -5.315  1.00 59.87  ? 5   DG  A N7    1 
ATOM   93  C  C5    . DG  A 1 5  ? -3.678  -1.818  -4.829  1.00 61.68  ? 5   DG  A C5    1 
ATOM   94  C  C6    . DG  A 1 5  ? -3.620  -1.306  -3.503  1.00 67.07  ? 5   DG  A C6    1 
ATOM   95  O  O6    . DG  A 1 5  ? -3.324  -1.902  -2.456  1.00 50.90  ? 5   DG  A O6    1 
ATOM   96  N  N1    . DG  A 1 5  ? -3.989  0.033   -3.456  1.00 67.65  ? 5   DG  A N1    1 
ATOM   97  C  C2    . DG  A 1 5  ? -4.353  0.788   -4.545  1.00 67.54  ? 5   DG  A C2    1 
ATOM   98  N  N2    . DG  A 1 5  ? -4.660  2.070   -4.297  1.00 69.23  ? 5   DG  A N2    1 
ATOM   99  N  N3    . DG  A 1 5  ? -4.409  0.324   -5.783  1.00 57.50  ? 5   DG  A N3    1 
ATOM   100 C  C4    . DG  A 1 5  ? -4.065  -0.978  -5.849  1.00 58.87  ? 5   DG  A C4    1 
ATOM   101 P  P     . DC  A 1 6  ? -4.771  0.414   -12.257 1.00 80.97  ? 6   DC  A P     1 
ATOM   102 O  OP1   . DC  A 1 6  ? -5.749  -0.526  -12.854 1.00 87.00  ? 6   DC  A OP1   1 
ATOM   103 O  OP2   . DC  A 1 6  ? -3.663  0.952   -13.082 1.00 83.00  ? 6   DC  A OP2   1 
ATOM   104 O  "O5'" . DC  A 1 6  ? -5.521  1.662   -11.621 1.00 75.80  ? 6   DC  A "O5'" 1 
ATOM   105 C  "C5'" . DC  A 1 6  ? -5.564  2.929   -12.290 1.00 76.14  ? 6   DC  A "C5'" 1 
ATOM   106 C  "C4'" . DC  A 1 6  ? -5.792  4.018   -11.269 1.00 77.44  ? 6   DC  A "C4'" 1 
ATOM   107 O  "O4'" . DC  A 1 6  ? -6.917  3.682   -10.415 1.00 79.85  ? 6   DC  A "O4'" 1 
ATOM   108 C  "C3'" . DC  A 1 6  ? -4.608  4.235   -10.330 1.00 78.46  ? 6   DC  A "C3'" 1 
ATOM   109 O  "O3'" . DC  A 1 6  ? -4.468  5.641   -10.107 1.00 77.72  ? 6   DC  A "O3'" 1 
ATOM   110 C  "C2'" . DC  A 1 6  ? -5.009  3.466   -9.082  1.00 79.73  ? 6   DC  A "C2'" 1 
ATOM   111 C  "C1'" . DC  A 1 6  ? -6.507  3.686   -9.050  1.00 75.39  ? 6   DC  A "C1'" 1 
ATOM   112 N  N1    . DC  A 1 6  ? -7.299  2.669   -8.327  1.00 69.87  ? 6   DC  A N1    1 
ATOM   113 C  C2    . DC  A 1 6  ? -7.514  2.813   -6.945  1.00 69.73  ? 6   DC  A C2    1 
ATOM   114 O  O2    . DC  A 1 6  ? -7.010  3.778   -6.353  1.00 70.50  ? 6   DC  A O2    1 
ATOM   115 N  N3    . DC  A 1 6  ? -8.258  1.893   -6.293  1.00 67.14  ? 6   DC  A N3    1 
ATOM   116 C  C4    . DC  A 1 6  ? -8.793  0.869   -6.965  1.00 69.10  ? 6   DC  A C4    1 
ATOM   117 N  N4    . DC  A 1 6  ? -9.527  -0.009  -6.283  1.00 67.62  ? 6   DC  A N4    1 
ATOM   118 C  C5    . DC  A 1 6  ? -8.591  0.699   -8.367  1.00 68.29  ? 6   DC  A C5    1 
ATOM   119 C  C6    . DC  A 1 6  ? -7.857  1.621   -9.004  1.00 67.56  ? 6   DC  A C6    1 
HETATM 120 N  N1    . BRU A 1 7  ? -1.740  2.970   -5.680  1.00 70.14  ? 7   BRU A N1    1 
HETATM 121 C  C2    . BRU A 1 7  ? -1.364  1.832   -4.920  1.00 70.96  ? 7   BRU A C2    1 
HETATM 122 N  N3    . BRU A 1 7  ? -1.054  0.683   -5.502  1.00 70.25  ? 7   BRU A N3    1 
HETATM 123 C  C4    . BRU A 1 7  ? -1.083  0.566   -6.813  1.00 64.08  ? 7   BRU A C4    1 
HETATM 124 C  C5    . BRU A 1 7  ? -1.457  1.714   -7.640  1.00 68.37  ? 7   BRU A C5    1 
HETATM 125 C  C6    . BRU A 1 7  ? -1.780  2.904   -7.018  1.00 67.04  ? 7   BRU A C6    1 
HETATM 126 O  O2    . BRU A 1 7  ? -1.328  1.858   -3.673  1.00 73.08  ? 7   BRU A O2    1 
HETATM 127 O  O4    . BRU A 1 7  ? -0.794  -0.510  -7.335  1.00 63.38  ? 7   BRU A O4    1 
HETATM 128 BR BR    . BRU A 1 7  ? -1.467  1.509   -9.517  1.00 89.84  ? 7   BRU A BR    1 
HETATM 129 C  "C1'" . BRU A 1 7  ? -2.090  4.206   -4.970  1.00 69.55  ? 7   BRU A "C1'" 1 
HETATM 130 C  "C2'" . BRU A 1 7  ? -0.869  5.075   -4.829  1.00 78.51  ? 7   BRU A "C2'" 1 
HETATM 131 C  "C3'" . BRU A 1 7  ? -1.175  6.366   -5.568  1.00 79.96  ? 7   BRU A "C3'" 1 
HETATM 132 C  "C4'" . BRU A 1 7  ? -2.678  6.352   -5.747  1.00 76.87  ? 7   BRU A "C4'" 1 
HETATM 133 O  "O3'" . BRU A 1 7  ? -0.725  7.509   -4.823  1.00 79.85  ? 7   BRU A "O3'" 1 
HETATM 134 O  "O4'" . BRU A 1 7  ? -3.068  4.977   -5.666  1.00 74.34  ? 7   BRU A "O4'" 1 
HETATM 135 C  "C5'" . BRU A 1 7  ? -3.084  6.952   -7.084  1.00 80.58  ? 7   BRU A "C5'" 1 
HETATM 136 O  "O5'" . BRU A 1 7  ? -3.078  5.915   -8.061  1.00 83.87  ? 7   BRU A "O5'" 1 
HETATM 137 P  P     . BRU A 1 7  ? -3.082  6.245   -9.633  1.00 81.47  ? 7   BRU A P     1 
HETATM 138 O  OP1   . BRU A 1 7  ? -3.163  7.752   -9.746  1.00 80.87  ? 7   BRU A OP1   1 
HETATM 139 O  OP2   . BRU A 1 7  ? -1.983  5.458   -10.305 1.00 79.19  ? 7   BRU A OP2   1 
ATOM   140 P  P     . DG  A 1 8  ? 0.834   7.906   -4.834  1.00 91.55  ? 8   DG  A P     1 
ATOM   141 O  OP1   . DG  A 1 8  ? 0.958   9.227   -5.501  1.00 94.46  ? 8   DG  A OP1   1 
ATOM   142 O  OP2   . DG  A 1 8  ? 1.622   6.745   -5.356  1.00 75.79  ? 8   DG  A OP2   1 
ATOM   143 O  "O5'" . DG  A 1 8  ? 1.167   8.105   -3.288  1.00 82.81  ? 8   DG  A "O5'" 1 
ATOM   144 C  "C5'" . DG  A 1 8  ? 0.858   7.076   -2.339  1.00 79.79  ? 8   DG  A "C5'" 1 
ATOM   145 C  "C4'" . DG  A 1 8  ? 1.794   7.096   -1.153  1.00 82.21  ? 8   DG  A "C4'" 1 
ATOM   146 O  "O4'" . DG  A 1 8  ? 2.048   5.721   -0.789  1.00 84.26  ? 8   DG  A "O4'" 1 
ATOM   147 C  "C3'" . DG  A 1 8  ? 3.182   7.693   -1.373  1.00 80.45  ? 8   DG  A "C3'" 1 
ATOM   148 O  "O3'" . DG  A 1 8  ? 3.716   8.074   -0.093  1.00 80.96  ? 8   DG  A "O3'" 1 
ATOM   149 C  "C2'" . DG  A 1 8  ? 3.927   6.526   -1.990  1.00 78.97  ? 8   DG  A "C2'" 1 
ATOM   150 C  "C1'" . DG  A 1 8  ? 3.347   5.338   -1.223  1.00 78.47  ? 8   DG  A "C1'" 1 
ATOM   151 N  N9    . DG  A 1 8  ? 3.220   4.084   -1.957  1.00 68.27  ? 8   DG  A N9    1 
ATOM   152 C  C8    . DG  A 1 8  ? 2.776   3.898   -3.244  1.00 62.61  ? 8   DG  A C8    1 
ATOM   153 N  N7    . DG  A 1 8  ? 2.760   2.643   -3.602  1.00 65.05  ? 8   DG  A N7    1 
ATOM   154 C  C5    . DG  A 1 8  ? 3.217   1.959   -2.484  1.00 59.20  ? 8   DG  A C5    1 
ATOM   155 C  C6    . DG  A 1 8  ? 3.416   0.570   -2.270  1.00 60.66  ? 8   DG  A C6    1 
ATOM   156 O  O6    . DG  A 1 8  ? 3.229   -0.368  -3.060  1.00 62.98  ? 8   DG  A O6    1 
ATOM   157 N  N1    . DG  A 1 8  ? 3.898   0.313   -0.989  1.00 60.20  ? 8   DG  A N1    1 
ATOM   158 C  C2    . DG  A 1 8  ? 4.147   1.268   -0.034  1.00 62.14  ? 8   DG  A C2    1 
ATOM   159 N  N2    . DG  A 1 8  ? 4.600   0.826   1.148   1.00 66.76  ? 8   DG  A N2    1 
ATOM   160 N  N3    . DG  A 1 8  ? 3.957   2.562   -0.218  1.00 62.37  ? 8   DG  A N3    1 
ATOM   161 C  C4    . DG  A 1 8  ? 3.497   2.834   -1.457  1.00 61.02  ? 8   DG  A C4    1 
ATOM   162 P  P     . DC  A 1 9  ? 4.881   9.183   0.030   1.00 84.18  ? 9   DC  A P     1 
ATOM   163 O  OP1   . DC  A 1 9  ? 5.267   9.278   1.462   1.00 82.94  ? 9   DC  A OP1   1 
ATOM   164 O  OP2   . DC  A 1 9  ? 4.453   10.407  -0.706  1.00 76.67  ? 9   DC  A OP2   1 
ATOM   165 O  "O5'" . DC  A 1 9  ? 6.075   8.515   -0.781  1.00 93.68  ? 9   DC  A "O5'" 1 
ATOM   166 C  "C5'" . DC  A 1 9  ? 7.341   9.172   -0.952  1.00 93.43  ? 9   DC  A "C5'" 1 
ATOM   167 C  "C4'" . DC  A 1 9  ? 8.447   8.206   -0.602  1.00 91.55  ? 9   DC  A "C4'" 1 
ATOM   168 O  "O4'" . DC  A 1 9  ? 8.257   6.953   -1.302  1.00 86.51  ? 9   DC  A "O4'" 1 
ATOM   169 C  "C3'" . DC  A 1 9  ? 9.860   8.685   -0.945  1.00 88.18  ? 9   DC  A "C3'" 1 
ATOM   170 O  "O3'" . DC  A 1 9  ? 10.700  8.677   0.211   1.00 91.73  ? 9   DC  A "O3'" 1 
ATOM   171 C  "C2'" . DC  A 1 9  ? 10.378  7.656   -1.937  1.00 85.57  ? 9   DC  A "C2'" 1 
ATOM   172 C  "C1'" . DC  A 1 9  ? 9.519   6.437   -1.664  1.00 77.89  ? 9   DC  A "C1'" 1 
ATOM   173 N  N1    . DC  A 1 9  ? 9.331   5.560   -2.833  1.00 72.12  ? 9   DC  A N1    1 
ATOM   174 C  C2    . DC  A 1 9  ? 9.605   4.191   -2.716  1.00 66.66  ? 9   DC  A C2    1 
ATOM   175 O  O2    . DC  A 1 9  ? 9.978   3.744   -1.622  1.00 61.31  ? 9   DC  A O2    1 
ATOM   176 N  N3    . DC  A 1 9  ? 9.454   3.392   -3.795  1.00 67.71  ? 9   DC  A N3    1 
ATOM   177 C  C4    . DC  A 1 9  ? 9.041   3.909   -4.955  1.00 72.54  ? 9   DC  A C4    1 
ATOM   178 N  N4    . DC  A 1 9  ? 8.894   3.081   -5.991  1.00 75.28  ? 9   DC  A N4    1 
ATOM   179 C  C5    . DC  A 1 9  ? 8.760   5.299   -5.104  1.00 70.67  ? 9   DC  A C5    1 
ATOM   180 C  C6    . DC  A 1 9  ? 8.915   6.080   -4.028  1.00 70.29  ? 9   DC  A C6    1 
ATOM   181 P  P     . DA  A 1 10 ? 10.410  9.660   1.433   1.00 91.30  ? 10  DA  A P     1 
ATOM   182 O  OP1   . DA  A 1 10 ? 9.411   9.020   2.322   1.00 89.77  ? 10  DA  A OP1   1 
ATOM   183 O  OP2   . DA  A 1 10 ? 10.162  11.022  0.890   1.00 84.21  ? 10  DA  A OP2   1 
ATOM   184 O  "O5'" . DA  A 1 10 ? 11.772  9.591   2.245   1.00 86.13  ? 10  DA  A "O5'" 1 
ATOM   185 C  "C5'" . DA  A 1 10 ? 12.183  8.364   2.867   1.00 84.62  ? 10  DA  A "C5'" 1 
ATOM   186 C  "C4'" . DA  A 1 10 ? 13.572  8.551   3.423   1.00 90.10  ? 10  DA  A "C4'" 1 
ATOM   187 O  "O4'" . DA  A 1 10 ? 14.509  7.873   2.558   1.00 90.48  ? 10  DA  A "O4'" 1 
ATOM   188 C  "C3'" . DA  A 1 10 ? 14.002  10.020  3.488   1.00 91.90  ? 10  DA  A "C3'" 1 
ATOM   189 O  "O3'" . DA  A 1 10 ? 14.358  10.480  4.811   1.00 103.03 ? 10  DA  A "O3'" 1 
ATOM   190 C  "C2'" . DA  A 1 10 ? 15.008  10.191  2.361   1.00 90.64  ? 10  DA  A "C2'" 1 
ATOM   191 C  "C1'" . DA  A 1 10 ? 15.282  8.795   1.809   1.00 88.14  ? 10  DA  A "C1'" 1 
ATOM   192 N  N9    . DA  A 1 10 ? 14.990  8.591   0.387   1.00 80.19  ? 10  DA  A N9    1 
ATOM   193 C  C8    . DA  A 1 10 ? 14.285  9.387   -0.486  1.00 71.70  ? 10  DA  A C8    1 
ATOM   194 N  N7    . DA  A 1 10 ? 14.245  8.921   -1.711  1.00 66.57  ? 10  DA  A N7    1 
ATOM   195 C  C5    . DA  A 1 10 ? 14.976  7.743   -1.643  1.00 72.48  ? 10  DA  A C5    1 
ATOM   196 C  C6    . DA  A 1 10 ? 15.311  6.777   -2.611  1.00 77.22  ? 10  DA  A C6    1 
ATOM   197 N  N6    . DA  A 1 10 ? 14.932  6.846   -3.890  1.00 75.13  ? 10  DA  A N6    1 
ATOM   198 N  N1    . DA  A 1 10 ? 16.070  5.730   -2.219  1.00 78.53  ? 10  DA  A N1    1 
ATOM   199 C  C2    . DA  A 1 10 ? 16.461  5.666   -0.939  1.00 77.87  ? 10  DA  A C2    1 
ATOM   200 N  N3    . DA  A 1 10 ? 16.199  6.502   0.064   1.00 74.30  ? 10  DA  A N3    1 
ATOM   201 C  C4    . DA  A 1 10 ? 15.448  7.532   -0.359  1.00 74.46  ? 10  DA  A C4    1 
ATOM   202 P  P     . DA  A 1 11 ? 15.689  9.991   5.589   1.00 85.09  ? 11  DA  A P     1 
ATOM   203 O  OP1   . DA  A 1 11 ? 16.658  9.491   4.596   1.00 90.32  ? 11  DA  A OP1   1 
ATOM   204 O  OP2   . DA  A 1 11 ? 15.282  9.092   6.689   1.00 93.74  ? 11  DA  A OP2   1 
ATOM   205 O  "O5'" . DA  A 1 11 ? 16.154  11.340  6.296   1.00 85.02  ? 11  DA  A "O5'" 1 
ATOM   206 C  "C5'" . DA  A 1 11 ? 17.318  12.059  5.871   1.00 89.30  ? 11  DA  A "C5'" 1 
ATOM   207 C  "C4'" . DA  A 1 11 ? 17.000  13.516  5.628   1.00 82.11  ? 11  DA  A "C4'" 1 
ATOM   208 O  "O4'" . DA  A 1 11 ? 18.179  14.127  5.050   1.00 94.63  ? 11  DA  A "O4'" 1 
ATOM   209 C  "C3'" . DA  A 1 11 ? 15.888  13.765  4.615   1.00 79.15  ? 11  DA  A "C3'" 1 
ATOM   210 O  "O3'" . DA  A 1 11 ? 15.325  15.065  4.766   1.00 67.00  ? 11  DA  A "O3'" 1 
ATOM   211 C  "C2'" . DA  A 1 11 ? 16.645  13.730  3.304   1.00 86.80  ? 11  DA  A "C2'" 1 
ATOM   212 C  "C1'" . DA  A 1 11 ? 17.955  14.413  3.671   1.00 91.23  ? 11  DA  A "C1'" 1 
ATOM   213 N  N9    . DA  A 1 11 ? 19.131  13.979  2.903   1.00 83.56  ? 11  DA  A N9    1 
ATOM   214 C  C8    . DA  A 1 11 ? 19.589  14.537  1.731   1.00 82.69  ? 11  DA  A C8    1 
ATOM   215 N  N7    . DA  A 1 11 ? 20.654  13.948  1.244   1.00 70.24  ? 11  DA  A N7    1 
ATOM   216 C  C5    . DA  A 1 11 ? 20.919  12.936  2.154   1.00 80.77  ? 11  DA  A C5    1 
ATOM   217 C  C6    . DA  A 1 11 ? 21.926  11.961  2.213   1.00 84.46  ? 11  DA  A C6    1 
ATOM   218 N  N6    . DA  A 1 11 ? 22.886  11.837  1.296   1.00 89.73  ? 11  DA  A N6    1 
ATOM   219 N  N1    . DA  A 1 11 ? 21.907  11.098  3.253   1.00 94.16  ? 11  DA  A N1    1 
ATOM   220 C  C2    . DA  A 1 11 ? 20.939  11.222  4.173   1.00 88.08  ? 11  DA  A C2    1 
ATOM   221 N  N3    . DA  A 1 11 ? 19.941  12.103  4.231   1.00 78.96  ? 11  DA  A N3    1 
ATOM   222 C  C4    . DA  A 1 11 ? 19.988  12.941  3.181   1.00 79.33  ? 11  DA  A C4    1 
ATOM   223 O  "O5'" . DC  B 1 1  ? -22.509 3.591   3.899   1.00 89.46  ? 1   DC  B "O5'" 1 
ATOM   224 C  "C5'" . DC  B 1 1  ? -22.474 4.520   5.000   1.00 87.86  ? 1   DC  B "C5'" 1 
ATOM   225 C  "C4'" . DC  B 1 1  ? -21.628 3.951   6.113   1.00 82.03  ? 1   DC  B "C4'" 1 
ATOM   226 O  "O4'" . DC  B 1 1  ? -22.125 2.637   6.431   1.00 80.03  ? 1   DC  B "O4'" 1 
ATOM   227 C  "C3'" . DC  B 1 1  ? -20.164 3.746   5.739   1.00 86.13  ? 1   DC  B "C3'" 1 
ATOM   228 O  "O3'" . DC  B 1 1  ? -19.398 4.935   6.008   1.00 84.53  ? 1   DC  B "O3'" 1 
ATOM   229 C  "C2'" . DC  B 1 1  ? -19.756 2.547   6.580   1.00 80.91  ? 1   DC  B "C2'" 1 
ATOM   230 C  "C1'" . DC  B 1 1  ? -21.059 1.794   6.846   1.00 78.43  ? 1   DC  B "C1'" 1 
ATOM   231 N  N1    . DC  B 1 1  ? -21.194 0.498   6.148   1.00 68.72  ? 1   DC  B N1    1 
ATOM   232 C  C2    . DC  B 1 1  ? -20.814 -0.662  6.826   1.00 65.00  ? 1   DC  B C2    1 
ATOM   233 O  O2    . DC  B 1 1  ? -20.380 -0.564  7.980   1.00 72.45  ? 1   DC  B O2    1 
ATOM   234 N  N3    . DC  B 1 1  ? -20.916 -1.859  6.204   1.00 69.39  ? 1   DC  B N3    1 
ATOM   235 C  C4    . DC  B 1 1  ? -21.381 -1.923  4.955   1.00 65.94  ? 1   DC  B C4    1 
ATOM   236 N  N4    . DC  B 1 1  ? -21.461 -3.126  4.380   1.00 71.62  ? 1   DC  B N4    1 
ATOM   237 C  C5    . DC  B 1 1  ? -21.770 -0.755  4.234   1.00 59.32  ? 1   DC  B C5    1 
ATOM   238 C  C6    . DC  B 1 1  ? -21.666 0.425   4.865   1.00 60.58  ? 1   DC  B C6    1 
ATOM   239 P  P     . DC  B 1 2  ? -18.251 5.416   4.988   1.00 78.22  ? 2   DC  B P     1 
ATOM   240 O  OP1   . DC  B 1 2  ? -18.169 6.901   5.027   1.00 69.89  ? 2   DC  B OP1   1 
ATOM   241 O  OP2   . DC  B 1 2  ? -18.430 4.707   3.689   1.00 72.95  ? 2   DC  B OP2   1 
ATOM   242 O  "O5'" . DC  B 1 2  ? -16.928 4.861   5.663   1.00 75.42  ? 2   DC  B "O5'" 1 
ATOM   243 C  "C5'" . DC  B 1 2  ? -16.761 4.859   7.088   1.00 80.83  ? 2   DC  B "C5'" 1 
ATOM   244 C  "C4'" . DC  B 1 2  ? -15.473 4.146   7.420   1.00 80.85  ? 2   DC  B "C4'" 1 
ATOM   245 O  "O4'" . DC  B 1 2  ? -15.651 2.722   7.260   1.00 73.55  ? 2   DC  B "O4'" 1 
ATOM   246 C  "C3'" . DC  B 1 2  ? -14.308 4.518   6.512   1.00 81.76  ? 2   DC  B "C3'" 1 
ATOM   247 O  "O3'" . DC  B 1 2  ? -13.644 5.637   7.097   1.00 89.49  ? 2   DC  B "O3'" 1 
ATOM   248 C  "C2'" . DC  B 1 2  ? -13.459 3.262   6.517   1.00 85.95  ? 2   DC  B "C2'" 1 
ATOM   249 C  "C1'" . DC  B 1 2  ? -14.457 2.134   6.766   1.00 76.15  ? 2   DC  B "C1'" 1 
ATOM   250 N  N1    . DC  B 1 2  ? -14.804 1.356   5.570   1.00 67.16  ? 2   DC  B N1    1 
ATOM   251 C  C2    . DC  B 1 2  ? -14.655 -0.035  5.606   1.00 69.00  ? 2   DC  B C2    1 
ATOM   252 O  O2    . DC  B 1 2  ? -14.234 -0.565  6.646   1.00 77.27  ? 2   DC  B O2    1 
ATOM   253 N  N3    . DC  B 1 2  ? -14.965 -0.763  4.507   1.00 58.80  ? 2   DC  B N3    1 
ATOM   254 C  C4    . DC  B 1 2  ? -15.407 -0.152  3.406   1.00 63.64  ? 2   DC  B C4    1 
ATOM   255 N  N4    . DC  B 1 2  ? -15.705 -0.908  2.347   1.00 62.32  ? 2   DC  B N4    1 
ATOM   256 C  C5    . DC  B 1 2  ? -15.572 1.265   3.343   1.00 61.63  ? 2   DC  B C5    1 
ATOM   257 C  C6    . DC  B 1 2  ? -15.260 1.972   4.437   1.00 62.86  ? 2   DC  B C6    1 
ATOM   258 P  P     . DA  B 1 3  ? -12.705 6.574   6.230   1.00 83.88  ? 3   DA  B P     1 
ATOM   259 O  OP1   . DA  B 1 3  ? -13.058 7.980   6.542   1.00 94.53  ? 3   DA  B OP1   1 
ATOM   260 O  OP2   . DA  B 1 3  ? -12.689 6.086   4.821   1.00 79.36  ? 3   DA  B OP2   1 
ATOM   261 O  "O5'" . DA  B 1 3  ? -11.285 6.245   6.844   1.00 78.38  ? 3   DA  B "O5'" 1 
ATOM   262 C  "C5'" . DA  B 1 3  ? -10.517 5.209   6.255   1.00 74.98  ? 3   DA  B "C5'" 1 
ATOM   263 C  "C4'" . DA  B 1 3  ? -9.729  4.489   7.319   1.00 71.57  ? 3   DA  B "C4'" 1 
ATOM   264 O  "O4'" . DA  B 1 3  ? -9.649  3.107   6.923   1.00 72.51  ? 3   DA  B "O4'" 1 
ATOM   265 C  "C3'" . DA  B 1 3  ? -8.282  4.952   7.411   1.00 73.72  ? 3   DA  B "C3'" 1 
ATOM   266 O  "O3'" . DA  B 1 3  ? -7.691  4.616   8.672   1.00 76.53  ? 3   DA  B "O3'" 1 
ATOM   267 C  "C2'" . DA  B 1 3  ? -7.636  4.188   6.277   1.00 75.35  ? 3   DA  B "C2'" 1 
ATOM   268 C  "C1'" . DA  B 1 3  ? -8.383  2.858   6.326   1.00 70.93  ? 3   DA  B "C1'" 1 
ATOM   269 N  N9    . DA  B 1 3  ? -8.605  2.193   5.041   1.00 68.33  ? 3   DA  B N9    1 
ATOM   270 C  C8    . DA  B 1 3  ? -8.322  0.878   4.766   1.00 71.08  ? 3   DA  B C8    1 
ATOM   271 N  N7    . DA  B 1 3  ? -8.597  0.523   3.536   1.00 70.07  ? 3   DA  B N7    1 
ATOM   272 C  C5    . DA  B 1 3  ? -9.104  1.680   2.961   1.00 63.47  ? 3   DA  B C5    1 
ATOM   273 C  C6    . DA  B 1 3  ? -9.576  1.959   1.674   1.00 61.14  ? 3   DA  B C6    1 
ATOM   274 N  N6    . DA  B 1 3  ? -9.623  1.055   0.695   1.00 68.59  ? 3   DA  B N6    1 
ATOM   275 N  N1    . DA  B 1 3  ? -9.998  3.216   1.418   1.00 56.51  ? 3   DA  B N1    1 
ATOM   276 C  C2    . DA  B 1 3  ? -9.949  4.120   2.404   1.00 69.39  ? 3   DA  B C2    1 
ATOM   277 N  N3    . DA  B 1 3  ? -9.527  3.975   3.660   1.00 65.73  ? 3   DA  B N3    1 
ATOM   278 C  C4    . DA  B 1 3  ? -9.110  2.717   3.876   1.00 60.24  ? 3   DA  B C4    1 
ATOM   279 P  P     . DG  B 1 4  ? -6.392  5.408   9.189   1.00 81.17  ? 4   DG  B P     1 
ATOM   280 O  OP1   . DG  B 1 4  ? -6.715  6.016   10.503  1.00 87.58  ? 4   DG  B OP1   1 
ATOM   281 O  OP2   . DG  B 1 4  ? -5.902  6.267   8.077   1.00 77.75  ? 4   DG  B OP2   1 
ATOM   282 O  "O5'" . DG  B 1 4  ? -5.356  4.239   9.495   1.00 75.41  ? 4   DG  B "O5'" 1 
ATOM   283 C  "C5'" . DG  B 1 4  ? -5.717  2.875   9.238   1.00 72.99  ? 4   DG  B "C5'" 1 
ATOM   284 C  "C4'" . DG  B 1 4  ? -4.569  1.935   9.522   1.00 69.55  ? 4   DG  B "C4'" 1 
ATOM   285 O  "O4'" . DG  B 1 4  ? -4.700  0.775   8.664   1.00 69.51  ? 4   DG  B "O4'" 1 
ATOM   286 C  "C3'" . DG  B 1 4  ? -3.159  2.485   9.283   1.00 69.24  ? 4   DG  B "C3'" 1 
ATOM   287 O  "O3'" . DG  B 1 4  ? -2.357  2.122   10.418  1.00 71.53  ? 4   DG  B "O3'" 1 
ATOM   288 C  "C2'" . DG  B 1 4  ? -2.733  1.800   7.995   1.00 66.14  ? 4   DG  B "C2'" 1 
ATOM   289 C  "C1'" . DG  B 1 4  ? -3.437  0.465   8.129   1.00 62.58  ? 4   DG  B "C1'" 1 
ATOM   290 N  N9    . DG  B 1 4  ? -3.630  -0.294  6.895   1.00 66.78  ? 4   DG  B N9    1 
ATOM   291 C  C8    . DG  B 1 4  ? -3.283  -1.609  6.698   1.00 68.71  ? 4   DG  B C8    1 
ATOM   292 N  N7    . DG  B 1 4  ? -3.537  -2.028  5.488   1.00 64.02  ? 4   DG  B N7    1 
ATOM   293 C  C5    . DG  B 1 4  ? -4.085  -0.926  4.847   1.00 62.48  ? 4   DG  B C5    1 
ATOM   294 C  C6    . DG  B 1 4  ? -4.540  -0.771  3.510   1.00 59.81  ? 4   DG  B C6    1 
ATOM   295 O  O6    . DG  B 1 4  ? -4.541  -1.605  2.597   1.00 50.74  ? 4   DG  B O6    1 
ATOM   296 N  N1    . DG  B 1 4  ? -5.007  0.518   3.274   1.00 56.47  ? 4   DG  B N1    1 
ATOM   297 C  C2    . DG  B 1 4  ? -5.039  1.527   4.208   1.00 58.86  ? 4   DG  B C2    1 
ATOM   298 N  N2    . DG  B 1 4  ? -5.527  2.706   3.794   1.00 58.43  ? 4   DG  B N2    1 
ATOM   299 N  N3    . DG  B 1 4  ? -4.608  1.397   5.453   1.00 59.63  ? 4   DG  B N3    1 
ATOM   300 C  C4    . DG  B 1 4  ? -4.145  0.155   5.701   1.00 57.31  ? 4   DG  B C4    1 
ATOM   301 P  P     . DG  B 1 5  ? -0.812  2.542   10.517  1.00 75.30  ? 5   DG  B P     1 
ATOM   302 O  OP1   . DG  B 1 5  ? -0.392  2.414   11.933  1.00 67.02  ? 5   DG  B OP1   1 
ATOM   303 O  OP2   . DG  B 1 5  ? -0.620  3.826   9.785   1.00 70.30  ? 5   DG  B OP2   1 
ATOM   304 O  "O5'" . DG  B 1 5  ? -0.076  1.344   9.782   1.00 64.76  ? 5   DG  B "O5'" 1 
ATOM   305 C  "C5'" . DG  B 1 5  ? -0.248  0.021   10.292  1.00 67.07  ? 5   DG  B "C5'" 1 
ATOM   306 C  "C4'" . DG  B 1 5  ? 0.348   -0.978  9.331   1.00 72.06  ? 5   DG  B "C4'" 1 
ATOM   307 O  "O4'" . DG  B 1 5  ? -0.350  -0.948  8.061   1.00 68.23  ? 5   DG  B "O4'" 1 
ATOM   308 C  "C3'" . DG  B 1 5  ? 1.824   -0.747  8.997   1.00 75.51  ? 5   DG  B "C3'" 1 
ATOM   309 O  "O3'" . DG  B 1 5  ? 2.448   -2.032  8.952   1.00 80.90  ? 5   DG  B "O3'" 1 
ATOM   310 C  "C2'" . DG  B 1 5  ? 1.776   -0.167  7.595   1.00 75.47  ? 5   DG  B "C2'" 1 
ATOM   311 C  "C1'" . DG  B 1 5  ? 0.627   -0.974  7.043   1.00 67.56  ? 5   DG  B "C1'" 1 
ATOM   312 N  N9    . DG  B 1 5  ? 0.009   -0.517  5.808   1.00 69.08  ? 5   DG  B N9    1 
ATOM   313 C  C8    . DG  B 1 5  ? -0.345  0.760   5.440   1.00 74.17  ? 5   DG  B C8    1 
ATOM   314 N  N7    . DG  B 1 5  ? -0.897  0.815   4.258   1.00 66.04  ? 5   DG  B N7    1 
ATOM   315 C  C5    . DG  B 1 5  ? -0.912  -0.503  3.825   1.00 62.23  ? 5   DG  B C5    1 
ATOM   316 C  C6    . DG  B 1 5  ? -1.387  -1.067  2.615   1.00 64.00  ? 5   DG  B C6    1 
ATOM   317 O  O6    . DG  B 1 5  ? -1.936  -0.501  1.662   1.00 73.49  ? 5   DG  B O6    1 
ATOM   318 N  N1    . DG  B 1 5  ? -1.213  -2.448  2.595   1.00 61.29  ? 5   DG  B N1    1 
ATOM   319 C  C2    . DG  B 1 5  ? -0.652  -3.188  3.606   1.00 62.96  ? 5   DG  B C2    1 
ATOM   320 N  N2    . DG  B 1 5  ? -0.563  -4.508  3.401   1.00 66.50  ? 5   DG  B N2    1 
ATOM   321 N  N3    . DG  B 1 5  ? -0.215  -2.674  4.739   1.00 62.19  ? 5   DG  B N3    1 
ATOM   322 C  C4    . DG  B 1 5  ? -0.366  -1.336  4.776   1.00 62.84  ? 5   DG  B C4    1 
ATOM   323 P  P     . DC  B 1 6  ? 3.535   -2.447  10.021  1.00 74.26  ? 6   DC  B P     1 
ATOM   324 O  OP1   . DC  B 1 6  ? 2.920   -3.434  10.949  1.00 69.46  ? 6   DC  B OP1   1 
ATOM   325 O  OP2   . DC  B 1 6  ? 4.144   -1.207  10.556  1.00 84.00  ? 6   DC  B OP2   1 
ATOM   326 O  "O5'" . DC  B 1 6  ? 4.658   -3.084  9.096   1.00 73.99  ? 6   DC  B "O5'" 1 
ATOM   327 C  "C5'" . DC  B 1 6  ? 4.687   -4.480  8.804   1.00 70.07  ? 6   DC  B "C5'" 1 
ATOM   328 C  "C4'" . DC  B 1 6  ? 4.627   -4.722  7.315   1.00 67.15  ? 6   DC  B "C4'" 1 
ATOM   329 O  "O4'" . DC  B 1 6  ? 4.365   -6.127  7.139   1.00 75.88  ? 6   DC  B "O4'" 1 
ATOM   330 C  "C3'" . DC  B 1 6  ? 3.484   -4.041  6.576   1.00 65.49  ? 6   DC  B "C3'" 1 
ATOM   331 O  "O3'" . DC  B 1 6  ? 3.639   -4.171  5.160   1.00 64.33  ? 6   DC  B "O3'" 1 
ATOM   332 C  "C2'" . DC  B 1 6  ? 2.317   -4.936  6.932   1.00 71.68  ? 6   DC  B "C2'" 1 
ATOM   333 C  "C1'" . DC  B 1 6  ? 2.964   -6.326  6.949   1.00 67.44  ? 6   DC  B "C1'" 1 
ATOM   334 N  N1    . DC  B 1 6  ? 2.489   -7.245  8.000   1.00 69.79  ? 6   DC  B N1    1 
ATOM   335 C  C2    . DC  B 1 6  ? 2.261   -8.584  7.666   1.00 74.89  ? 6   DC  B C2    1 
ATOM   336 O  O2    . DC  B 1 6  ? 2.461   -8.953  6.499   1.00 83.44  ? 6   DC  B O2    1 
ATOM   337 N  N3    . DC  B 1 6  ? 1.815   -9.438  8.617   1.00 67.87  ? 6   DC  B N3    1 
ATOM   338 C  C4    . DC  B 1 6  ? 1.621   -9.002  9.863   1.00 69.28  ? 6   DC  B C4    1 
ATOM   339 N  N4    . DC  B 1 6  ? 1.190   -9.880  10.772  1.00 73.32  ? 6   DC  B N4    1 
ATOM   340 C  C5    . DC  B 1 6  ? 1.865   -7.649  10.237  1.00 68.14  ? 6   DC  B C5    1 
ATOM   341 C  C6    . DC  B 1 6  ? 2.291   -6.811  9.282   1.00 69.92  ? 6   DC  B C6    1 
HETATM 342 N  N1    . BRU B 1 7  ? 6.888   -7.249  5.289   1.00 65.42  ? 7   BRU B N1    1 
HETATM 343 C  C2    . BRU B 1 7  ? 6.950   -7.479  6.689   1.00 69.32  ? 7   BRU B C2    1 
HETATM 344 N  N3    . BRU B 1 7  ? 6.322   -8.545  7.230   1.00 69.81  ? 7   BRU B N3    1 
HETATM 345 C  C4    . BRU B 1 7  ? 5.635   -9.420  6.479   1.00 73.62  ? 7   BRU B C4    1 
HETATM 346 C  C5    . BRU B 1 7  ? 5.551   -9.194  5.020   1.00 79.08  ? 7   BRU B C5    1 
HETATM 347 C  C6    . BRU B 1 7  ? 6.198   -8.083  4.486   1.00 73.77  ? 7   BRU B C6    1 
HETATM 348 O  O2    . BRU B 1 7  ? 7.583   -6.669  7.418   1.00 66.79  ? 7   BRU B O2    1 
HETATM 349 O  O4    . BRU B 1 7  ? 5.052   -10.402 6.986   1.00 61.88  ? 7   BRU B O4    1 
HETATM 350 BR BR    . BRU B 1 7  ? 4.574   -10.397 3.926   1.00 99.28  ? 7   BRU B BR    1 
HETATM 351 C  "C1'" . BRU B 1 7  ? 7.592   -6.079  4.792   1.00 63.33  ? 7   BRU B "C1'" 1 
HETATM 352 C  "C2'" . BRU B 1 7  ? 7.980   -6.155  3.329   1.00 69.62  ? 7   BRU B "C2'" 1 
HETATM 353 C  "C3'" . BRU B 1 7  ? 8.054   -4.697  2.947   1.00 74.26  ? 7   BRU B "C3'" 1 
HETATM 354 C  "C4'" . BRU B 1 7  ? 7.186   -3.966  3.944   1.00 71.97  ? 7   BRU B "C4'" 1 
HETATM 355 O  "O3'" . BRU B 1 7  ? 9.374   -4.171  3.063   1.00 79.43  ? 7   BRU B "O3'" 1 
HETATM 356 O  "O4'" . BRU B 1 7  ? 6.786   -4.921  4.931   1.00 70.20  ? 7   BRU B "O4'" 1 
HETATM 357 C  "C5'" . BRU B 1 7  ? 6.010   -3.363  3.206   1.00 75.77  ? 7   BRU B "C5'" 1 
HETATM 358 O  "O5'" . BRU B 1 7  ? 5.233   -2.577  4.103   1.00 74.43  ? 7   BRU B "O5'" 1 
HETATM 359 P  P     . BRU B 1 7  ? 3.675   -2.877  4.204   1.00 66.01  ? 7   BRU B P     1 
HETATM 360 O  OP1   . BRU B 1 7  ? 3.013   -1.741  4.913   1.00 67.50  ? 7   BRU B OP1   1 
HETATM 361 O  OP2   . BRU B 1 7  ? 3.186   -3.280  2.831   1.00 63.14  ? 7   BRU B OP2   1 
ATOM   362 P  P     . DG  B 1 8  ? 10.043  -3.470  1.810   1.00 82.09  ? 8   DG  B P     1 
ATOM   363 O  OP1   . DG  B 1 8  ? 11.435  -3.119  2.179   1.00 90.13  ? 8   DG  B OP1   1 
ATOM   364 O  OP2   . DG  B 1 8  ? 9.110   -2.433  1.277   1.00 70.09  ? 8   DG  B OP2   1 
ATOM   365 O  "O5'" . DG  B 1 8  ? 10.047  -4.651  0.753   1.00 75.50  ? 8   DG  B "O5'" 1 
ATOM   366 C  "C5'" . DG  B 1 8  ? 10.782  -5.845  1.018   1.00 78.61  ? 8   DG  B "C5'" 1 
ATOM   367 C  "C4'" . DG  B 1 8  ? 10.693  -6.708  -0.212  1.00 84.92  ? 8   DG  B "C4'" 1 
ATOM   368 O  "O4'" . DG  B 1 8  ? 9.554   -7.578  -0.064  1.00 76.88  ? 8   DG  B "O4'" 1 
ATOM   369 C  "C3'" . DG  B 1 8  ? 10.487  -5.890  -1.492  1.00 86.07  ? 8   DG  B "C3'" 1 
ATOM   370 O  "O3'" . DG  B 1 8  ? 11.686  -5.955  -2.307  1.00 84.73  ? 8   DG  B "O3'" 1 
ATOM   371 C  "C2'" . DG  B 1 8  ? 9.075   -6.232  -1.961  1.00 82.29  ? 8   DG  B "C2'" 1 
ATOM   372 C  "C1'" . DG  B 1 8  ? 8.623   -7.427  -1.121  1.00 83.36  ? 8   DG  B "C1'" 1 
ATOM   373 N  N9    . DG  B 1 8  ? 7.294   -7.373  -0.515  1.00 77.62  ? 8   DG  B N9    1 
ATOM   374 C  C8    . DG  B 1 8  ? 6.671   -6.270  0.012   1.00 87.06  ? 8   DG  B C8    1 
ATOM   375 N  N7    . DG  B 1 8  ? 5.514   -6.544  0.551   1.00 84.02  ? 8   DG  B N7    1 
ATOM   376 C  C5    . DG  B 1 8  ? 5.379   -7.916  0.400   1.00 80.32  ? 8   DG  B C5    1 
ATOM   377 C  C6    . DG  B 1 8  ? 4.329   -8.786  0.794   1.00 88.93  ? 8   DG  B C6    1 
ATOM   378 O  O6    . DG  B 1 8  ? 3.270   -8.505  1.364   1.00 107.16 ? 8   DG  B O6    1 
ATOM   379 N  N1    . DG  B 1 8  ? 4.599   -10.105 0.447   1.00 80.68  ? 8   DG  B N1    1 
ATOM   380 C  C2    . DG  B 1 8  ? 5.725   -10.533 -0.206  1.00 76.15  ? 8   DG  B C2    1 
ATOM   381 N  N2    . DG  B 1 8  ? 5.796   -11.846 -0.456  1.00 73.80  ? 8   DG  B N2    1 
ATOM   382 N  N3    . DG  B 1 8  ? 6.712   -9.734  -0.580  1.00 79.30  ? 8   DG  B N3    1 
ATOM   383 C  C4    . DG  B 1 8  ? 6.474   -8.446  -0.246  1.00 81.73  ? 8   DG  B C4    1 
ATOM   384 P  P     . DC  B 1 9  ? 11.893  -7.018  -3.498  1.00 73.88  ? 9   DC  B P     1 
ATOM   385 O  OP1   . DC  B 1 9  ? 11.218  -8.286  -3.157  1.00 83.37  ? 9   DC  B OP1   1 
ATOM   386 O  OP2   . DC  B 1 9  ? 13.326  -7.014  -3.864  1.00 86.98  ? 9   DC  B OP2   1 
ATOM   387 O  "O5'" . DC  B 1 9  ? 11.145  -6.320  -4.702  1.00 74.72  ? 9   DC  B "O5'" 1 
ATOM   388 C  "C5'" . DC  B 1 9  ? 11.031  -4.910  -4.631  1.00 76.48  ? 9   DC  B "C5'" 1 
ATOM   389 C  "C4'" . DC  B 1 9  ? 10.405  -4.386  -5.893  1.00 80.83  ? 9   DC  B "C4'" 1 
ATOM   390 O  "O4'" . DC  B 1 9  ? 9.603   -3.240  -5.540  1.00 82.61  ? 9   DC  B "O4'" 1 
ATOM   391 C  "C3'" . DC  B 1 9  ? 11.423  -3.864  -6.892  1.00 83.69  ? 9   DC  B "C3'" 1 
ATOM   392 O  "O3'" . DC  B 1 9  ? 10.798  -3.836  -8.175  1.00 97.05  ? 9   DC  B "O3'" 1 
ATOM   393 C  "C2'" . DC  B 1 9  ? 11.696  -2.473  -6.355  1.00 87.44  ? 9   DC  B "C2'" 1 
ATOM   394 C  "C1'" . DC  B 1 9  ? 10.329  -2.050  -5.814  1.00 78.95  ? 9   DC  B "C1'" 1 
ATOM   395 N  N1    . DC  B 1 9  ? 10.392  -1.264  -4.577  1.00 72.01  ? 9   DC  B N1    1 
ATOM   396 C  C2    . DC  B 1 9  ? 9.988   0.073   -4.615  1.00 78.28  ? 9   DC  B C2    1 
ATOM   397 O  O2    . DC  B 1 9  ? 9.553   0.539   -5.681  1.00 81.85  ? 9   DC  B O2    1 
ATOM   398 N  N3    . DC  B 1 9  ? 10.069  0.820   -3.490  1.00 68.92  ? 9   DC  B N3    1 
ATOM   399 C  C4    . DC  B 1 9  ? 10.531  0.277   -2.360  1.00 68.91  ? 9   DC  B C4    1 
ATOM   400 N  N4    . DC  B 1 9  ? 10.586  1.046   -1.272  1.00 72.72  ? 9   DC  B N4    1 
ATOM   401 C  C5    . DC  B 1 9  ? 10.955  -1.081  -2.298  1.00 68.93  ? 9   DC  B C5    1 
ATOM   402 C  C6    . DC  B 1 9  ? 10.875  -1.808  -3.419  1.00 71.02  ? 9   DC  B C6    1 
ATOM   403 P  P     . DA  B 1 10 ? 11.679  -3.819  -9.496  1.00 94.77  ? 10  DA  B P     1 
ATOM   404 O  OP1   . DA  B 1 10 ? 10.779  -3.443  -10.626 1.00 86.91  ? 10  DA  B OP1   1 
ATOM   405 O  OP2   . DA  B 1 10 ? 12.482  -5.072  -9.531  1.00 93.67  ? 10  DA  B OP2   1 
ATOM   406 O  "O5'" . DA  B 1 10 ? 12.699  -2.636  -9.212  1.00 102.05 ? 10  DA  B "O5'" 1 
ATOM   407 C  "C5'" . DA  B 1 10 ? 14.117  -2.839  -9.220  1.00 85.20  ? 10  DA  B "C5'" 1 
ATOM   408 C  "C4'" . DA  B 1 10 ? 14.726  -1.656  -9.927  1.00 85.18  ? 10  DA  B "C4'" 1 
ATOM   409 O  "O4'" . DA  B 1 10 ? 14.620  -0.475  -9.098  1.00 79.26  ? 10  DA  B "O4'" 1 
ATOM   410 C  "C3'" . DA  B 1 10 ? 16.199  -1.810  -10.296 1.00 91.91  ? 10  DA  B "C3'" 1 
ATOM   411 O  "O3'" . DA  B 1 10 ? 16.338  -1.345  -11.637 1.00 106.85 ? 10  DA  B "O3'" 1 
ATOM   412 C  "C2'" . DA  B 1 10 ? 16.921  -0.911  -9.310  1.00 88.04  ? 10  DA  B "C2'" 1 
ATOM   413 C  "C1'" . DA  B 1 10 ? 15.886  0.146   -8.961  1.00 81.39  ? 10  DA  B "C1'" 1 
ATOM   414 N  N9    . DA  B 1 10 ? 15.998  0.654   -7.592  1.00 78.98  ? 10  DA  B N9    1 
ATOM   415 C  C8    . DA  B 1 10 ? 16.380  -0.037  -6.465  1.00 75.03  ? 10  DA  B C8    1 
ATOM   416 N  N7    . DA  B 1 10 ? 16.411  0.698   -5.379  1.00 66.93  ? 10  DA  B N7    1 
ATOM   417 C  C5    . DA  B 1 10 ? 16.021  1.957   -5.819  1.00 64.12  ? 10  DA  B C5    1 
ATOM   418 C  C6    . DA  B 1 10 ? 15.865  3.182   -5.152  1.00 65.18  ? 10  DA  B C6    1 
ATOM   419 N  N6    . DA  B 1 10 ? 16.070  3.341   -3.843  1.00 71.53  ? 10  DA  B N6    1 
ATOM   420 N  N1    . DA  B 1 10 ? 15.481  4.253   -5.884  1.00 68.07  ? 10  DA  B N1    1 
ATOM   421 C  C2    . DA  B 1 10 ? 15.274  4.090   -7.200  1.00 72.85  ? 10  DA  B C2    1 
ATOM   422 N  N3    . DA  B 1 10 ? 15.388  2.987   -7.940  1.00 71.43  ? 10  DA  B N3    1 
ATOM   423 C  C4    . DA  B 1 10 ? 15.772  1.944   -7.182  1.00 69.25  ? 10  DA  B C4    1 
ATOM   424 P  P     . DA  B 1 11 ? 17.594  -1.760  -12.510 1.00 101.34 ? 11  DA  B P     1 
ATOM   425 O  OP1   . DA  B 1 11 ? 17.125  -2.727  -13.533 1.00 99.84  ? 11  DA  B OP1   1 
ATOM   426 O  OP2   . DA  B 1 11 ? 18.700  -2.143  -11.586 1.00 92.33  ? 11  DA  B OP2   1 
ATOM   427 O  "O5'" . DA  B 1 11 ? 17.947  -0.399  -13.262 1.00 96.86  ? 11  DA  B "O5'" 1 
ATOM   428 C  "C5'" . DA  B 1 11 ? 17.210  0.826   -13.038 1.00 100.72 ? 11  DA  B "C5'" 1 
ATOM   429 C  "C4'" . DA  B 1 11 ? 18.164  1.974   -12.785 1.00 114.12 ? 11  DA  B "C4'" 1 
ATOM   430 O  "O4'" . DA  B 1 11 ? 18.352  2.157   -11.359 1.00 118.86 ? 11  DA  B "O4'" 1 
ATOM   431 C  "C3'" . DA  B 1 11 ? 19.573  1.797   -13.358 1.00 116.04 ? 11  DA  B "C3'" 1 
ATOM   432 O  "O3'" . DA  B 1 11 ? 20.120  3.071   -13.706 1.00 108.86 ? 11  DA  B "O3'" 1 
ATOM   433 C  "C2'" . DA  B 1 11 ? 20.346  1.232   -12.184 1.00 115.07 ? 11  DA  B "C2'" 1 
ATOM   434 C  "C1'" . DA  B 1 11 ? 19.737  2.037   -11.054 1.00 117.50 ? 11  DA  B "C1'" 1 
ATOM   435 N  N9    . DA  B 1 11 ? 19.861  1.483   -9.706  1.00 116.85 ? 11  DA  B N9    1 
ATOM   436 C  C8    . DA  B 1 11 ? 20.280  0.249   -9.262  1.00 104.20 ? 11  DA  B C8    1 
ATOM   437 N  N7    . DA  B 1 11 ? 20.278  0.130   -7.956  1.00 86.44  ? 11  DA  B N7    1 
ATOM   438 C  C5    . DA  B 1 11 ? 19.841  1.371   -7.510  1.00 86.49  ? 11  DA  B C5    1 
ATOM   439 C  C6    . DA  B 1 11 ? 19.624  1.891   -6.224  1.00 83.71  ? 11  DA  B C6    1 
ATOM   440 N  N6    . DA  B 1 11 ? 19.826  1.199   -5.101  1.00 76.44  ? 11  DA  B N6    1 
ATOM   441 N  N1    . DA  B 1 11 ? 19.188  3.169   -6.130  1.00 79.90  ? 11  DA  B N1    1 
ATOM   442 C  C2    . DA  B 1 11 ? 18.986  3.864   -7.261  1.00 80.55  ? 11  DA  B C2    1 
ATOM   443 N  N3    . DA  B 1 11 ? 19.146  3.481   -8.522  1.00 75.33  ? 11  DA  B N3    1 
ATOM   444 C  C4    . DA  B 1 11 ? 19.582  2.211   -8.577  1.00 92.42  ? 11  DA  B C4    1 
HETATM 445 BA BA    . BA  C 2 .  ? -4.038  -1.545  0.108   0.50 64.92  ? 101 BA  A BA    1 
# 
